data_8QIJ
#
_entry.id   8QIJ
#
_cell.length_a   94.340
_cell.length_b   94.760
_cell.length_c   102.460
_cell.angle_alpha   90.000
_cell.angle_beta   90.000
_cell.angle_gamma   90.000
#
_symmetry.space_group_name_H-M   'P 21 21 21'
#
loop_
_entity.id
_entity.type
_entity.pdbx_description
1 polymer 'Putative anthranilate synthase component I TrpE2/ Salicylate synthase MbtI'
2 non-polymer 2-AMINO-2-HYDROXYMETHYL-PROPANE-1,3-DIOL
3 non-polymer GLYCEROL
4 non-polymer 'SULFATE ION'
5 non-polymer DI(HYDROXYETHYL)ETHER
6 water water
#
_entity_poly.entity_id   1
_entity_poly.type   'polypeptide(L)'
_entity_poly.pdbx_seq_one_letter_code
;MSKMSAVVDPDTGARTWVSVQEGLPDGFAPADLAGALAQEIPERHGDEYLIYERDGEWVLAIGARASVELDSDGLRIVRD
GTIEKRDWSGHPGAALEQAVNEISDGTHRVFGWVAFEFGTYRFNLQHRLAPGTPLARVFAPRAEVVITADGVSVSDESYV
EDISRLIEQGVPAIPAPASIDLAPDPSDYRGRVGIATAEIRSGLYHKVILSRRVEVPFAMDFPSTYRLGRHNNTPVRSFL
LRLGGIRALGYSPELVTAVEADGTVVTQPLAGTRAFGRGEDADRVARDDLESNAKEIVEHAISVRSSLAEIAEVVDPSST
KVTDFMTVRERGSVQHLGSTVSGELSAGMTRMDALEALFPAVTASGIPKAEGVDAILRLDDHPRGLYSGAVVMLSPNGGL
DAALTLRSAYEQDGHTWLRAGAGIIEASTPEREFEETCEKLGSIAPYVIKREA
;
_entity_poly.pdbx_strand_id   A,C
#
# COMPACT_ATOMS: atom_id res chain seq x y z
N TRP A 17 -34.97 -2.58 -21.96
CA TRP A 17 -33.52 -2.85 -21.77
C TRP A 17 -32.86 -3.19 -23.10
N VAL A 18 -31.54 -2.97 -23.18
CA VAL A 18 -30.79 -3.06 -24.42
C VAL A 18 -29.38 -3.54 -24.10
N SER A 19 -29.00 -4.70 -24.64
CA SER A 19 -27.66 -5.22 -24.45
C SER A 19 -26.69 -4.37 -25.25
N VAL A 20 -25.51 -4.10 -24.69
CA VAL A 20 -24.48 -3.33 -25.36
C VAL A 20 -23.36 -4.27 -25.77
N GLN A 21 -22.81 -4.99 -24.79
CA GLN A 21 -21.76 -5.97 -24.99
C GLN A 21 -22.17 -7.27 -24.31
N GLU A 22 -22.10 -8.39 -25.04
CA GLU A 22 -22.29 -9.72 -24.48
C GLU A 22 -20.92 -10.31 -24.18
N GLY A 23 -20.29 -9.80 -23.11
CA GLY A 23 -18.89 -10.06 -22.81
C GLY A 23 -18.08 -8.78 -22.95
N LEU A 24 -17.35 -8.41 -21.88
CA LEU A 24 -16.47 -7.25 -21.91
C LEU A 24 -15.20 -7.61 -22.70
N PRO A 25 -14.55 -6.66 -23.42
CA PRO A 25 -13.20 -6.88 -23.93
C PRO A 25 -12.24 -6.95 -22.74
N ASP A 26 -11.15 -7.72 -22.87
CA ASP A 26 -10.21 -7.87 -21.78
C ASP A 26 -9.71 -6.49 -21.36
N GLY A 27 -9.26 -6.38 -20.10
CA GLY A 27 -8.85 -5.10 -19.53
C GLY A 27 -10.03 -4.19 -19.22
N PHE A 28 -11.18 -4.82 -18.92
CA PHE A 28 -12.35 -4.11 -18.42
C PHE A 28 -12.97 -4.93 -17.30
N ALA A 29 -12.44 -4.74 -16.09
CA ALA A 29 -13.12 -5.19 -14.88
C ALA A 29 -14.37 -4.34 -14.70
N PRO A 30 -15.48 -4.92 -14.17
CA PRO A 30 -16.71 -4.15 -13.95
C PRO A 30 -16.54 -2.82 -13.19
N ALA A 31 -15.77 -2.82 -12.09
CA ALA A 31 -15.62 -1.59 -11.31
C ALA A 31 -14.91 -0.50 -12.12
N ASP A 32 -14.00 -0.90 -13.01
CA ASP A 32 -13.27 0.07 -13.82
C ASP A 32 -14.19 0.64 -14.90
N LEU A 33 -15.03 -0.21 -15.49
CA LEU A 33 -15.98 0.28 -16.49
C LEU A 33 -16.98 1.22 -15.79
N ALA A 34 -17.44 0.84 -14.59
CA ALA A 34 -18.43 1.64 -13.90
C ALA A 34 -17.88 3.04 -13.60
N GLY A 35 -16.67 3.09 -13.02
CA GLY A 35 -16.00 4.34 -12.71
C GLY A 35 -15.76 5.21 -13.93
N ALA A 36 -15.34 4.58 -15.05
CA ALA A 36 -15.08 5.29 -16.28
C ALA A 36 -16.38 5.88 -16.83
N LEU A 37 -17.46 5.10 -16.76
CA LEU A 37 -18.73 5.58 -17.28
C LEU A 37 -19.25 6.77 -16.47
N ALA A 38 -19.03 6.76 -15.15
CA ALA A 38 -19.44 7.86 -14.29
C ALA A 38 -18.75 9.14 -14.74
N GLN A 39 -17.45 9.04 -15.06
CA GLN A 39 -16.66 10.18 -15.48
C GLN A 39 -17.10 10.65 -16.85
N GLU A 40 -17.37 9.69 -17.74
CA GLU A 40 -17.66 9.98 -19.13
C GLU A 40 -19.10 10.49 -19.32
N ILE A 41 -20.06 10.07 -18.49
CA ILE A 41 -21.44 10.45 -18.75
C ILE A 41 -22.00 11.44 -17.72
N PRO A 42 -22.42 11.03 -16.49
CA PRO A 42 -23.04 11.99 -15.57
C PRO A 42 -22.12 13.12 -15.13
N GLU A 43 -20.83 12.83 -14.94
CA GLU A 43 -19.89 13.85 -14.53
C GLU A 43 -19.72 14.89 -15.65
N ARG A 44 -19.92 14.50 -16.91
CA ARG A 44 -19.78 15.45 -17.99
C ARG A 44 -21.03 16.34 -18.08
N HIS A 45 -22.19 15.79 -17.70
CA HIS A 45 -23.45 16.46 -17.98
C HIS A 45 -24.08 16.99 -16.69
N GLY A 46 -23.29 17.00 -15.60
CA GLY A 46 -23.77 17.47 -14.31
C GLY A 46 -24.95 16.68 -13.74
N ASP A 47 -25.13 15.42 -14.11
CA ASP A 47 -26.24 14.62 -13.59
C ASP A 47 -25.93 14.14 -12.17
N GLU A 48 -27.00 13.97 -11.38
CA GLU A 48 -26.96 13.16 -10.18
C GLU A 48 -26.70 11.70 -10.60
N TYR A 49 -25.97 10.94 -9.79
CA TYR A 49 -25.74 9.56 -10.13
C TYR A 49 -25.32 8.78 -8.90
N LEU A 50 -25.44 7.45 -9.01
CA LEU A 50 -25.06 6.54 -7.94
C LEU A 50 -24.70 5.20 -8.58
N ILE A 51 -23.52 4.70 -8.24
CA ILE A 51 -23.13 3.33 -8.53
C ILE A 51 -23.25 2.50 -7.25
N TYR A 52 -23.90 1.34 -7.38
CA TYR A 52 -24.07 0.39 -6.30
C TYR A 52 -23.64 -0.99 -6.80
N GLU A 53 -22.65 -1.59 -6.13
CA GLU A 53 -22.18 -2.92 -6.46
C GLU A 53 -22.78 -3.90 -5.47
N ARG A 54 -23.44 -4.93 -6.01
CA ARG A 54 -24.03 -5.99 -5.21
C ARG A 54 -23.87 -7.32 -5.95
N ASP A 55 -23.22 -8.29 -5.28
CA ASP A 55 -23.07 -9.66 -5.76
C ASP A 55 -22.65 -9.71 -7.24
N GLY A 56 -21.59 -9.00 -7.61
CA GLY A 56 -20.98 -9.10 -8.94
C GLY A 56 -21.70 -8.27 -10.01
N GLU A 57 -22.71 -7.49 -9.61
CA GLU A 57 -23.40 -6.61 -10.54
C GLU A 57 -23.22 -5.17 -10.07
N TRP A 58 -22.77 -4.30 -10.98
CA TRP A 58 -22.74 -2.88 -10.74
C TRP A 58 -23.91 -2.24 -11.46
N VAL A 59 -24.67 -1.41 -10.74
CA VAL A 59 -25.72 -0.60 -11.33
C VAL A 59 -25.23 0.84 -11.30
N LEU A 60 -25.15 1.45 -12.49
CA LEU A 60 -24.96 2.88 -12.60
C LEU A 60 -26.31 3.55 -12.90
N ALA A 61 -26.82 4.28 -11.92
CA ALA A 61 -28.07 4.99 -12.04
C ALA A 61 -27.77 6.47 -12.28
N ILE A 62 -28.35 7.02 -13.35
CA ILE A 62 -28.00 8.32 -13.91
C ILE A 62 -29.25 9.19 -13.99
N GLY A 63 -29.15 10.41 -13.44
CA GLY A 63 -30.15 11.43 -13.62
C GLY A 63 -31.33 11.21 -12.69
N ALA A 64 -31.87 12.29 -12.13
CA ALA A 64 -32.96 12.19 -11.18
C ALA A 64 -34.29 12.42 -11.91
N ARG A 65 -34.93 11.35 -12.35
CA ARG A 65 -36.28 11.42 -12.90
C ARG A 65 -37.21 11.98 -11.81
N ALA A 66 -37.08 11.45 -10.59
CA ALA A 66 -37.80 11.94 -9.45
C ALA A 66 -36.98 11.70 -8.19
N SER A 67 -37.21 12.52 -7.16
CA SER A 67 -36.40 12.54 -5.95
C SER A 67 -37.30 12.60 -4.72
N VAL A 68 -36.78 12.11 -3.58
CA VAL A 68 -37.34 12.41 -2.28
C VAL A 68 -36.25 13.03 -1.39
N GLU A 69 -36.58 14.16 -0.75
CA GLU A 69 -35.70 14.80 0.21
C GLU A 69 -36.35 14.72 1.58
N LEU A 70 -35.78 13.92 2.48
CA LEU A 70 -36.26 13.84 3.85
C LEU A 70 -35.33 14.64 4.76
N ASP A 71 -35.88 15.69 5.37
CA ASP A 71 -35.19 16.51 6.36
C ASP A 71 -35.92 16.42 7.69
N SER A 72 -35.28 16.93 8.74
CA SER A 72 -35.81 16.85 10.09
C SER A 72 -37.12 17.65 10.21
N ASP A 73 -37.33 18.64 9.34
CA ASP A 73 -38.48 19.52 9.45
C ASP A 73 -39.53 19.22 8.36
N GLY A 74 -39.30 18.20 7.52
CA GLY A 74 -40.27 17.88 6.50
C GLY A 74 -39.69 17.04 5.36
N LEU A 75 -40.59 16.69 4.43
CA LEU A 75 -40.28 15.81 3.31
C LEU A 75 -40.72 16.50 2.03
N ARG A 76 -39.87 16.48 1.01
CA ARG A 76 -40.20 16.95 -0.33
C ARG A 76 -40.03 15.84 -1.37
N ILE A 77 -41.05 15.72 -2.24
CA ILE A 77 -40.99 14.94 -3.46
C ILE A 77 -40.74 15.89 -4.63
N VAL A 78 -39.71 15.63 -5.42
CA VAL A 78 -39.29 16.54 -6.47
C VAL A 78 -39.35 15.81 -7.80
N ARG A 79 -40.19 16.31 -8.71
CA ARG A 79 -40.34 15.73 -10.02
C ARG A 79 -41.15 16.68 -10.89
N ASP A 80 -40.90 16.66 -12.20
CA ASP A 80 -41.76 17.32 -13.18
C ASP A 80 -41.92 18.79 -12.83
N GLY A 81 -40.82 19.43 -12.41
CA GLY A 81 -40.80 20.84 -12.09
C GLY A 81 -41.74 21.19 -10.93
N THR A 82 -42.19 20.18 -10.19
CA THR A 82 -43.01 20.43 -9.00
C THR A 82 -42.22 19.96 -7.78
N ILE A 83 -42.59 20.50 -6.62
CA ILE A 83 -42.31 19.86 -5.34
C ILE A 83 -43.62 19.79 -4.58
N GLU A 84 -43.97 18.60 -4.10
CA GLU A 84 -45.05 18.42 -3.15
C GLU A 84 -44.44 18.29 -1.75
N LYS A 85 -45.01 18.99 -0.76
CA LYS A 85 -44.49 18.95 0.59
C LYS A 85 -45.40 18.13 1.49
N ARG A 86 -44.75 17.39 2.40
CA ARG A 86 -45.46 16.52 3.31
C ARG A 86 -44.88 16.73 4.69
N ASP A 87 -45.76 16.74 5.68
CA ASP A 87 -45.36 16.87 7.07
C ASP A 87 -45.32 15.47 7.66
N TRP A 88 -44.36 15.24 8.55
CA TRP A 88 -44.30 14.01 9.30
C TRP A 88 -43.76 14.37 10.67
N SER A 89 -43.94 13.46 11.63
CA SER A 89 -43.50 13.70 13.00
C SER A 89 -43.26 12.36 13.69
N GLY A 90 -42.29 12.34 14.62
CA GLY A 90 -42.10 11.20 15.50
C GLY A 90 -41.15 10.16 14.93
N HIS A 91 -41.55 9.52 13.81
CA HIS A 91 -40.75 8.44 13.20
C HIS A 91 -40.76 8.62 11.68
N PRO A 92 -39.59 8.84 11.03
CA PRO A 92 -39.53 9.18 9.61
C PRO A 92 -39.73 8.04 8.61
N GLY A 93 -39.66 6.80 9.07
CA GLY A 93 -39.69 5.64 8.20
C GLY A 93 -40.98 5.54 7.38
N ALA A 94 -42.13 5.77 8.04
CA ALA A 94 -43.40 5.68 7.35
C ALA A 94 -43.51 6.73 6.24
N ALA A 95 -43.05 7.95 6.49
CA ALA A 95 -43.11 9.01 5.47
C ALA A 95 -42.15 8.72 4.31
N LEU A 96 -40.98 8.17 4.63
CA LEU A 96 -40.01 7.83 3.60
C LEU A 96 -40.54 6.71 2.69
N GLU A 97 -41.14 5.68 3.28
CA GLU A 97 -41.68 4.53 2.55
C GLU A 97 -42.77 4.99 1.61
N GLN A 98 -43.67 5.86 2.14
CA GLN A 98 -44.81 6.37 1.39
C GLN A 98 -44.31 7.17 0.17
N ALA A 99 -43.25 7.95 0.41
CA ALA A 99 -42.67 8.79 -0.62
C ALA A 99 -41.92 7.95 -1.65
N VAL A 100 -41.17 6.94 -1.19
CA VAL A 100 -40.46 6.08 -2.12
C VAL A 100 -41.43 5.38 -3.08
N ASN A 101 -42.47 4.76 -2.52
CA ASN A 101 -43.51 4.11 -3.31
C ASN A 101 -44.06 5.08 -4.34
N GLU A 102 -44.23 6.34 -3.94
CA GLU A 102 -44.73 7.37 -4.84
C GLU A 102 -43.81 7.54 -6.05
N ILE A 103 -42.50 7.74 -5.87
CA ILE A 103 -41.64 8.05 -6.99
C ILE A 103 -41.26 6.78 -7.77
N SER A 104 -41.53 5.59 -7.22
CA SER A 104 -41.18 4.34 -7.88
C SER A 104 -42.07 4.07 -9.09
N ASP A 105 -43.32 4.56 -9.07
CA ASP A 105 -44.34 4.23 -10.07
C ASP A 105 -44.64 2.73 -10.06
N GLY A 106 -44.33 2.08 -8.94
CA GLY A 106 -44.37 0.63 -8.85
C GLY A 106 -43.45 -0.11 -9.82
N THR A 107 -42.54 0.57 -10.55
CA THR A 107 -41.71 -0.15 -11.51
C THR A 107 -40.23 0.25 -11.46
N HIS A 108 -39.88 1.40 -10.87
CA HIS A 108 -38.49 1.85 -10.86
C HIS A 108 -37.82 1.53 -9.52
N ARG A 109 -36.54 1.15 -9.59
CA ARG A 109 -35.67 1.14 -8.44
C ARG A 109 -35.33 2.56 -7.99
N VAL A 110 -35.09 2.67 -6.69
CA VAL A 110 -34.78 3.94 -6.05
C VAL A 110 -33.44 3.75 -5.36
N PHE A 111 -32.59 4.76 -5.44
CA PHE A 111 -31.26 4.70 -4.87
C PHE A 111 -31.01 5.95 -4.05
N GLY A 112 -30.18 5.83 -3.01
CA GLY A 112 -29.63 7.03 -2.41
C GLY A 112 -28.97 6.74 -1.07
N TRP A 113 -29.03 7.73 -0.18
CA TRP A 113 -28.35 7.61 1.10
C TRP A 113 -29.29 7.98 2.25
N VAL A 114 -29.02 7.34 3.40
CA VAL A 114 -29.69 7.64 4.65
C VAL A 114 -28.61 8.04 5.67
N ALA A 115 -28.79 9.19 6.29
CA ALA A 115 -27.78 9.72 7.19
C ALA A 115 -27.93 9.12 8.58
N PHE A 116 -26.83 9.16 9.34
CA PHE A 116 -26.80 8.67 10.71
C PHE A 116 -28.00 9.21 11.51
N GLU A 117 -28.29 10.51 11.32
CA GLU A 117 -29.24 11.25 12.13
C GLU A 117 -30.67 10.72 11.97
N PHE A 118 -30.96 9.99 10.87
CA PHE A 118 -32.22 9.29 10.69
C PHE A 118 -32.52 8.42 11.91
N GLY A 119 -31.45 7.91 12.56
CA GLY A 119 -31.62 6.92 13.60
C GLY A 119 -31.94 7.51 14.97
N THR A 120 -31.91 8.84 15.10
CA THR A 120 -32.13 9.49 16.39
C THR A 120 -33.59 9.39 16.85
N TYR A 121 -34.54 9.28 15.89
CA TYR A 121 -35.96 9.34 16.19
C TYR A 121 -36.40 8.16 17.04
N ARG A 122 -35.86 6.97 16.74
CA ARG A 122 -36.23 5.78 17.48
C ARG A 122 -35.93 5.98 18.97
N PHE A 123 -34.96 6.85 19.32
CA PHE A 123 -34.52 7.00 20.71
C PHE A 123 -34.88 8.36 21.30
N ASN A 124 -35.77 9.11 20.65
CA ASN A 124 -36.17 10.44 21.08
C ASN A 124 -34.94 11.33 21.33
N LEU A 125 -34.01 11.34 20.36
CA LEU A 125 -32.81 12.17 20.43
C LEU A 125 -32.81 13.24 19.33
N GLN A 126 -33.90 13.35 18.56
CA GLN A 126 -33.95 14.27 17.43
C GLN A 126 -33.89 15.73 17.90
N HIS A 127 -34.14 15.97 19.18
CA HIS A 127 -34.12 17.33 19.70
C HIS A 127 -32.69 17.89 19.71
N ARG A 128 -31.68 17.02 19.53
CA ARG A 128 -30.30 17.42 19.45
C ARG A 128 -29.91 17.80 18.02
N LEU A 129 -30.78 17.54 17.04
CA LEU A 129 -30.46 17.87 15.66
C LEU A 129 -30.70 19.36 15.43
N ALA A 130 -29.89 19.93 14.54
CA ALA A 130 -30.15 21.23 13.96
C ALA A 130 -31.43 21.16 13.11
N PRO A 131 -32.34 22.15 13.23
CA PRO A 131 -33.50 22.23 12.34
C PRO A 131 -33.08 22.15 10.87
N GLY A 132 -33.77 21.30 10.10
CA GLY A 132 -33.44 21.13 8.70
C GLY A 132 -32.29 20.14 8.46
N THR A 133 -31.92 19.35 9.47
CA THR A 133 -30.88 18.35 9.28
C THR A 133 -31.36 17.39 8.20
N PRO A 134 -30.58 17.17 7.11
CA PRO A 134 -30.91 16.14 6.11
C PRO A 134 -30.84 14.72 6.67
N LEU A 135 -31.89 13.92 6.42
CA LEU A 135 -32.00 12.57 6.93
C LEU A 135 -31.85 11.53 5.82
N ALA A 136 -32.35 11.82 4.60
CA ALA A 136 -32.25 10.92 3.47
C ALA A 136 -32.40 11.67 2.15
N ARG A 137 -31.77 11.16 1.11
CA ARG A 137 -31.93 11.64 -0.26
C ARG A 137 -31.97 10.41 -1.15
N VAL A 138 -33.09 10.18 -1.83
CA VAL A 138 -33.17 9.08 -2.77
C VAL A 138 -33.81 9.56 -4.08
N PHE A 139 -33.55 8.81 -5.16
CA PHE A 139 -34.04 9.17 -6.47
C PHE A 139 -34.33 7.91 -7.30
N ALA A 140 -35.28 8.08 -8.22
CA ALA A 140 -35.51 7.15 -9.31
C ALA A 140 -34.75 7.69 -10.51
N PRO A 141 -33.87 6.88 -11.13
CA PRO A 141 -33.02 7.37 -12.22
C PRO A 141 -33.74 7.53 -13.55
N ARG A 142 -33.22 8.42 -14.41
CA ARG A 142 -33.65 8.49 -15.80
C ARG A 142 -33.22 7.22 -16.52
N ALA A 143 -31.99 6.77 -16.26
CA ALA A 143 -31.47 5.57 -16.91
C ALA A 143 -30.58 4.78 -15.96
N GLU A 144 -30.48 3.48 -16.27
CA GLU A 144 -29.66 2.54 -15.54
C GLU A 144 -28.72 1.85 -16.53
N VAL A 145 -27.44 1.78 -16.18
CA VAL A 145 -26.49 0.89 -16.83
C VAL A 145 -26.20 -0.24 -15.84
N VAL A 146 -26.34 -1.49 -16.29
CA VAL A 146 -26.03 -2.66 -15.47
C VAL A 146 -24.78 -3.32 -16.05
N ILE A 147 -23.75 -3.52 -15.20
CA ILE A 147 -22.48 -4.06 -15.61
C ILE A 147 -22.17 -5.28 -14.76
N THR A 148 -21.84 -6.39 -15.45
CA THR A 148 -21.26 -7.56 -14.79
C THR A 148 -20.00 -7.94 -15.55
N ALA A 149 -19.32 -8.99 -15.07
CA ALA A 149 -18.15 -9.53 -15.74
C ALA A 149 -18.51 -10.05 -17.14
N ASP A 150 -19.80 -10.28 -17.42
CA ASP A 150 -20.22 -10.99 -18.61
C ASP A 150 -20.92 -10.08 -19.61
N GLY A 151 -21.13 -8.79 -19.29
CA GLY A 151 -21.75 -7.90 -20.25
C GLY A 151 -22.33 -6.62 -19.66
N VAL A 152 -22.83 -5.78 -20.56
CA VAL A 152 -23.34 -4.45 -20.22
C VAL A 152 -24.72 -4.30 -20.84
N SER A 153 -25.70 -3.92 -20.02
CA SER A 153 -27.01 -3.56 -20.51
C SER A 153 -27.33 -2.13 -20.11
N VAL A 154 -28.24 -1.49 -20.87
CA VAL A 154 -28.65 -0.14 -20.57
C VAL A 154 -30.15 0.00 -20.78
N SER A 155 -30.79 0.84 -19.96
CA SER A 155 -32.24 0.96 -19.95
C SER A 155 -32.75 1.86 -21.08
N ASP A 156 -31.84 2.56 -21.78
CA ASP A 156 -32.21 3.57 -22.74
C ASP A 156 -31.22 3.53 -23.91
N GLU A 157 -31.76 3.42 -25.13
CA GLU A 157 -30.92 3.17 -26.31
C GLU A 157 -30.04 4.38 -26.61
N SER A 158 -30.50 5.57 -26.20
CA SER A 158 -29.76 6.79 -26.47
C SER A 158 -28.45 6.85 -25.70
N TYR A 159 -28.10 5.79 -24.95
CA TYR A 159 -26.84 5.73 -24.22
C TYR A 159 -25.83 4.79 -24.91
N VAL A 160 -26.30 3.99 -25.87
CA VAL A 160 -25.52 2.85 -26.34
C VAL A 160 -24.26 3.33 -27.03
N GLU A 161 -24.36 4.43 -27.80
CA GLU A 161 -23.24 4.94 -28.57
C GLU A 161 -22.11 5.41 -27.68
N ASP A 162 -22.47 6.23 -26.68
CA ASP A 162 -21.52 6.73 -25.69
C ASP A 162 -20.84 5.53 -25.02
N ILE A 163 -21.65 4.55 -24.59
CA ILE A 163 -21.10 3.43 -23.83
C ILE A 163 -20.20 2.61 -24.76
N SER A 164 -20.67 2.34 -25.98
CA SER A 164 -19.89 1.57 -26.96
C SER A 164 -18.55 2.25 -27.23
N ARG A 165 -18.56 3.57 -27.40
CA ARG A 165 -17.34 4.31 -27.74
C ARG A 165 -16.32 4.16 -26.61
N LEU A 166 -16.73 4.44 -25.37
CA LEU A 166 -15.82 4.34 -24.25
C LEU A 166 -15.22 2.93 -24.19
N ILE A 167 -16.07 1.91 -24.34
CA ILE A 167 -15.59 0.53 -24.29
C ILE A 167 -14.51 0.29 -25.34
N GLU A 168 -14.67 0.90 -26.53
CA GLU A 168 -13.77 0.68 -27.66
C GLU A 168 -12.49 1.47 -27.46
N GLN A 169 -12.65 2.73 -27.04
CA GLN A 169 -11.54 3.64 -26.73
C GLN A 169 -10.59 3.01 -25.71
N GLY A 170 -11.13 2.25 -24.75
CA GLY A 170 -10.32 1.61 -23.72
C GLY A 170 -10.42 2.33 -22.38
N VAL A 171 -10.22 1.59 -21.29
CA VAL A 171 -10.36 2.17 -19.96
C VAL A 171 -9.15 3.07 -19.69
N PRO A 172 -9.33 4.32 -19.22
CA PRO A 172 -8.20 5.18 -18.89
C PRO A 172 -7.30 4.58 -17.81
N ALA A 173 -6.03 5.00 -17.80
CA ALA A 173 -5.09 4.64 -16.75
C ALA A 173 -5.50 5.35 -15.47
N ILE A 174 -5.32 4.67 -14.33
CA ILE A 174 -5.56 5.29 -13.04
C ILE A 174 -4.39 6.26 -12.76
N PRO A 175 -4.65 7.55 -12.53
CA PRO A 175 -3.59 8.47 -12.14
C PRO A 175 -2.94 8.10 -10.80
N ALA A 176 -1.75 8.65 -10.55
CA ALA A 176 -1.02 8.41 -9.33
C ALA A 176 -1.80 9.03 -8.18
N PRO A 177 -1.89 8.36 -7.00
CA PRO A 177 -2.57 8.96 -5.85
C PRO A 177 -1.72 10.01 -5.14
N ALA A 178 -2.33 10.73 -4.21
CA ALA A 178 -1.71 11.78 -3.43
C ALA A 178 -1.47 11.29 -1.99
N SER A 179 -0.82 12.16 -1.20
CA SER A 179 -0.46 11.81 0.17
C SER A 179 -1.37 12.57 1.13
N ILE A 180 -1.97 11.81 2.05
CA ILE A 180 -2.77 12.37 3.12
C ILE A 180 -2.12 11.99 4.45
N ASP A 181 -1.90 12.97 5.33
CA ASP A 181 -1.26 12.73 6.61
C ASP A 181 -2.29 12.27 7.65
N LEU A 182 -2.14 11.04 8.14
CA LEU A 182 -3.08 10.42 9.08
C LEU A 182 -2.65 10.61 10.53
N ALA A 183 -1.45 11.18 10.74
CA ALA A 183 -0.83 11.21 12.06
C ALA A 183 -1.46 12.27 12.96
N PRO A 184 -1.73 13.51 12.50
CA PRO A 184 -2.25 14.53 13.40
C PRO A 184 -3.69 14.28 13.88
N ASP A 185 -4.00 14.91 15.02
CA ASP A 185 -5.25 14.70 15.69
C ASP A 185 -5.91 16.04 16.02
N PRO A 186 -6.27 16.87 15.02
CA PRO A 186 -6.83 18.18 15.31
C PRO A 186 -8.21 18.14 16.00
N SER A 187 -8.95 17.04 15.88
CA SER A 187 -10.26 16.94 16.52
C SER A 187 -10.13 16.38 17.92
N ASP A 188 -8.89 16.11 18.34
CA ASP A 188 -8.56 15.57 19.65
C ASP A 188 -9.28 14.26 19.93
N TYR A 189 -9.18 13.30 19.00
CA TYR A 189 -9.73 11.98 19.20
C TYR A 189 -9.16 11.33 20.47
N ARG A 190 -7.86 11.46 20.70
CA ARG A 190 -7.25 10.82 21.86
C ARG A 190 -7.94 11.31 23.13
N GLY A 191 -8.20 12.61 23.19
CA GLY A 191 -8.86 13.22 24.34
C GLY A 191 -10.30 12.74 24.47
N ARG A 192 -11.01 12.66 23.34
CA ARG A 192 -12.40 12.23 23.36
C ARG A 192 -12.54 10.76 23.79
N VAL A 193 -11.56 9.91 23.47
CA VAL A 193 -11.55 8.54 23.98
C VAL A 193 -11.59 8.53 25.52
N GLY A 194 -10.72 9.38 26.14
CA GLY A 194 -10.65 9.53 27.59
C GLY A 194 -11.97 9.98 28.20
N ILE A 195 -12.62 10.96 27.57
CA ILE A 195 -13.94 11.37 28.02
C ILE A 195 -14.89 10.16 27.99
N ALA A 196 -14.92 9.41 26.87
CA ALA A 196 -15.82 8.27 26.74
C ALA A 196 -15.57 7.21 27.81
N THR A 197 -14.30 6.86 28.07
CA THR A 197 -13.99 5.80 29.03
C THR A 197 -14.32 6.22 30.46
N ALA A 198 -14.19 7.51 30.78
CA ALA A 198 -14.63 8.03 32.06
C ALA A 198 -16.16 7.97 32.17
N GLU A 199 -16.86 8.24 31.06
CA GLU A 199 -18.32 8.11 31.08
C GLU A 199 -18.70 6.65 31.29
N ILE A 200 -18.03 5.73 30.58
CA ILE A 200 -18.29 4.31 30.73
C ILE A 200 -18.01 3.86 32.17
N ARG A 201 -16.87 4.30 32.74
CA ARG A 201 -16.51 3.90 34.09
C ARG A 201 -17.61 4.28 35.08
N SER A 202 -18.20 5.47 34.91
CA SER A 202 -19.20 6.00 35.83
C SER A 202 -20.50 5.21 35.74
N GLY A 203 -20.67 4.41 34.67
CA GLY A 203 -21.82 3.54 34.54
C GLY A 203 -22.89 4.07 33.58
N LEU A 204 -22.59 5.11 32.80
CA LEU A 204 -23.56 5.69 31.88
C LEU A 204 -23.88 4.74 30.72
N TYR A 205 -22.90 3.97 30.24
CA TYR A 205 -23.15 3.00 29.19
C TYR A 205 -21.98 2.03 29.12
N HIS A 206 -22.09 1.04 28.22
CA HIS A 206 -21.12 -0.02 28.16
C HIS A 206 -20.08 0.26 27.07
N LYS A 207 -20.54 0.80 25.93
CA LYS A 207 -19.69 0.92 24.75
C LYS A 207 -20.20 2.03 23.84
N VAL A 208 -19.26 2.74 23.19
CA VAL A 208 -19.59 3.69 22.13
C VAL A 208 -18.52 3.65 21.04
N ILE A 209 -18.95 3.86 19.79
CA ILE A 209 -18.03 4.01 18.67
C ILE A 209 -17.85 5.50 18.43
N LEU A 210 -16.64 6.01 18.69
CA LEU A 210 -16.29 7.38 18.38
C LEU A 210 -15.34 7.34 17.18
N SER A 211 -15.36 8.43 16.39
CA SER A 211 -14.68 8.51 15.11
C SER A 211 -13.85 9.78 15.04
N ARG A 212 -12.97 9.86 14.03
CA ARG A 212 -12.34 11.11 13.66
C ARG A 212 -12.45 11.36 12.15
N ARG A 213 -12.77 12.60 11.78
CA ARG A 213 -12.60 13.09 10.42
C ARG A 213 -11.11 13.30 10.15
N VAL A 214 -10.69 13.04 8.90
CA VAL A 214 -9.39 13.47 8.40
C VAL A 214 -9.68 14.33 7.18
N GLU A 215 -9.32 15.62 7.25
CA GLU A 215 -9.63 16.53 6.16
C GLU A 215 -8.63 16.24 5.04
N VAL A 216 -9.14 16.16 3.81
CA VAL A 216 -8.32 16.03 2.63
C VAL A 216 -8.09 17.44 2.08
N PRO A 217 -6.83 17.93 2.06
CA PRO A 217 -6.56 19.33 1.68
C PRO A 217 -6.48 19.59 0.18
N PHE A 218 -7.36 18.96 -0.59
CA PHE A 218 -7.45 19.15 -2.03
C PHE A 218 -8.76 18.54 -2.54
N ALA A 219 -9.19 19.00 -3.72
CA ALA A 219 -10.33 18.44 -4.43
C ALA A 219 -9.97 17.03 -4.93
N MET A 220 -10.85 16.07 -4.68
CA MET A 220 -10.60 14.67 -5.02
C MET A 220 -11.20 14.34 -6.37
N ASP A 221 -10.58 13.39 -7.07
CA ASP A 221 -11.15 12.74 -8.24
C ASP A 221 -11.85 11.46 -7.77
N PHE A 222 -13.19 11.53 -7.68
CA PHE A 222 -13.98 10.49 -7.05
C PHE A 222 -14.04 9.25 -7.93
N PRO A 223 -14.33 9.36 -9.24
CA PRO A 223 -14.34 8.17 -10.10
C PRO A 223 -13.00 7.42 -10.11
N SER A 224 -11.88 8.13 -10.21
CA SER A 224 -10.57 7.47 -10.25
C SER A 224 -10.25 6.83 -8.89
N THR A 225 -10.47 7.58 -7.80
CA THR A 225 -10.25 7.04 -6.47
C THR A 225 -11.11 5.79 -6.27
N TYR A 226 -12.40 5.84 -6.64
CA TYR A 226 -13.29 4.70 -6.52
C TYR A 226 -12.63 3.45 -7.11
N ARG A 227 -12.18 3.56 -8.35
CA ARG A 227 -11.50 2.46 -9.05
C ARG A 227 -10.26 1.98 -8.30
N LEU A 228 -9.38 2.90 -7.86
CA LEU A 228 -8.12 2.45 -7.27
C LEU A 228 -8.40 1.74 -5.93
N GLY A 229 -9.27 2.33 -5.12
CA GLY A 229 -9.69 1.73 -3.86
C GLY A 229 -10.32 0.36 -4.05
N ARG A 230 -11.13 0.18 -5.09
CA ARG A 230 -11.82 -1.08 -5.28
C ARG A 230 -10.81 -2.21 -5.51
N HIS A 231 -9.70 -1.92 -6.19
CA HIS A 231 -8.68 -2.93 -6.46
C HIS A 231 -8.01 -3.38 -5.16
N ASN A 232 -8.22 -2.67 -4.05
CA ASN A 232 -7.50 -2.91 -2.82
C ASN A 232 -8.45 -3.20 -1.66
N ASN A 233 -9.70 -3.58 -1.96
CA ASN A 233 -10.68 -3.90 -0.93
C ASN A 233 -11.52 -5.10 -1.35
N THR A 234 -12.16 -5.74 -0.35
CA THR A 234 -13.09 -6.84 -0.57
C THR A 234 -14.37 -6.59 0.22
N PRO A 235 -15.21 -5.64 -0.24
CA PRO A 235 -16.37 -5.20 0.54
C PRO A 235 -17.61 -6.02 0.19
N VAL A 236 -18.62 -5.92 1.05
CA VAL A 236 -19.91 -6.56 0.85
C VAL A 236 -20.71 -5.77 -0.19
N ARG A 237 -20.55 -4.43 -0.15
CA ARG A 237 -21.08 -3.53 -1.18
C ARG A 237 -20.07 -2.43 -1.42
N SER A 238 -20.06 -1.88 -2.64
CA SER A 238 -19.30 -0.65 -2.90
C SER A 238 -20.22 0.35 -3.58
N PHE A 239 -19.85 1.63 -3.52
CA PHE A 239 -20.66 2.68 -4.10
C PHE A 239 -19.82 3.89 -4.49
N LEU A 240 -20.38 4.65 -5.43
CA LEU A 240 -19.85 5.93 -5.84
C LEU A 240 -21.07 6.78 -6.21
N LEU A 241 -21.18 8.00 -5.64
CA LEU A 241 -22.36 8.81 -5.88
C LEU A 241 -22.04 10.30 -5.89
N ARG A 242 -22.92 11.03 -6.59
CA ARG A 242 -23.04 12.47 -6.52
C ARG A 242 -24.52 12.77 -6.47
N LEU A 243 -25.00 13.16 -5.28
CA LEU A 243 -26.42 13.23 -5.00
C LEU A 243 -26.69 14.06 -3.74
N GLY A 244 -27.55 15.07 -3.90
CA GLY A 244 -28.07 15.84 -2.78
C GLY A 244 -27.04 16.83 -2.24
N GLY A 245 -26.11 17.28 -3.11
CA GLY A 245 -25.02 18.19 -2.78
C GLY A 245 -23.74 17.50 -2.27
N ILE A 246 -23.70 16.16 -2.29
CA ILE A 246 -22.59 15.41 -1.74
C ILE A 246 -22.03 14.46 -2.79
N ARG A 247 -20.70 14.35 -2.81
CA ARG A 247 -20.02 13.24 -3.45
C ARG A 247 -19.56 12.27 -2.37
N ALA A 248 -19.63 10.97 -2.67
CA ALA A 248 -19.15 9.95 -1.76
C ALA A 248 -18.79 8.69 -2.52
N LEU A 249 -17.81 7.96 -1.99
CA LEU A 249 -17.50 6.62 -2.45
C LEU A 249 -17.16 5.80 -1.23
N GLY A 250 -17.22 4.47 -1.35
CA GLY A 250 -16.83 3.63 -0.24
C GLY A 250 -16.95 2.14 -0.49
N TYR A 251 -16.37 1.39 0.44
CA TYR A 251 -16.24 -0.05 0.40
C TYR A 251 -16.86 -0.58 1.69
N SER A 252 -18.19 -0.69 1.67
CA SER A 252 -18.96 -1.04 2.84
C SER A 252 -18.59 -2.45 3.31
N PRO A 253 -18.19 -2.62 4.58
CA PRO A 253 -17.84 -3.94 5.11
C PRO A 253 -18.98 -4.86 5.55
N GLU A 254 -20.21 -4.34 5.56
CA GLU A 254 -21.35 -5.06 6.11
C GLU A 254 -22.68 -4.36 5.77
N LEU A 255 -23.74 -5.16 5.66
CA LEU A 255 -25.11 -4.65 5.54
C LEU A 255 -25.64 -4.25 6.91
N VAL A 256 -26.28 -3.07 7.00
CA VAL A 256 -27.03 -2.74 8.20
C VAL A 256 -28.42 -3.38 8.08
N THR A 257 -28.96 -3.45 6.86
CA THR A 257 -30.27 -4.05 6.64
C THR A 257 -30.44 -4.45 5.18
N ALA A 258 -30.92 -5.68 5.00
CA ALA A 258 -31.46 -6.08 3.71
C ALA A 258 -32.80 -6.77 3.93
N VAL A 259 -33.74 -6.47 3.03
CA VAL A 259 -35.00 -7.19 2.96
C VAL A 259 -35.13 -7.75 1.55
N GLU A 260 -35.30 -9.07 1.47
CA GLU A 260 -35.39 -9.76 0.20
C GLU A 260 -36.87 -9.85 -0.18
N ALA A 261 -37.14 -10.16 -1.46
CA ALA A 261 -38.50 -10.18 -1.98
C ALA A 261 -39.33 -11.24 -1.24
N ASP A 262 -38.69 -12.35 -0.86
CA ASP A 262 -39.31 -13.41 -0.08
C ASP A 262 -39.55 -12.99 1.38
N GLY A 263 -39.07 -11.81 1.81
CA GLY A 263 -39.36 -11.31 3.14
C GLY A 263 -38.26 -11.57 4.18
N THR A 264 -37.16 -12.20 3.78
CA THR A 264 -36.02 -12.38 4.67
C THR A 264 -35.41 -11.02 5.01
N VAL A 265 -35.27 -10.77 6.31
CA VAL A 265 -34.56 -9.60 6.82
C VAL A 265 -33.15 -10.07 7.24
N VAL A 266 -32.12 -9.29 6.85
CA VAL A 266 -30.74 -9.61 7.16
C VAL A 266 -30.04 -8.38 7.74
N THR A 267 -29.22 -8.60 8.78
CA THR A 267 -28.26 -7.63 9.29
C THR A 267 -26.95 -8.36 9.58
N GLN A 268 -25.82 -7.64 9.45
CA GLN A 268 -24.50 -8.23 9.57
C GLN A 268 -23.63 -7.46 10.56
N PRO A 269 -23.73 -7.75 11.88
CA PRO A 269 -22.83 -7.12 12.87
C PRO A 269 -21.39 -7.63 12.73
N LEU A 270 -20.48 -6.70 12.44
CA LEU A 270 -19.04 -6.90 12.50
C LEU A 270 -18.51 -6.10 13.69
N ALA A 271 -17.82 -6.78 14.61
CA ALA A 271 -17.26 -6.15 15.79
C ALA A 271 -16.05 -6.95 16.27
N GLY A 272 -14.96 -6.23 16.51
CA GLY A 272 -13.66 -6.81 16.79
C GLY A 272 -12.78 -6.75 15.56
N THR A 273 -11.62 -6.08 15.67
CA THR A 273 -10.81 -5.70 14.53
C THR A 273 -9.33 -6.00 14.80
N ARG A 274 -8.64 -6.50 13.77
CA ARG A 274 -7.19 -6.50 13.71
C ARG A 274 -6.77 -6.15 12.28
N ALA A 275 -5.49 -5.83 12.11
CA ALA A 275 -4.91 -5.55 10.81
C ALA A 275 -4.99 -6.77 9.90
N PHE A 276 -5.14 -6.49 8.60
CA PHE A 276 -5.11 -7.48 7.53
C PHE A 276 -4.31 -6.86 6.39
N GLY A 277 -3.88 -7.67 5.42
CA GLY A 277 -3.21 -7.17 4.23
C GLY A 277 -1.70 -7.00 4.42
N ARG A 278 -1.12 -7.74 5.36
CA ARG A 278 0.30 -7.60 5.65
C ARG A 278 1.05 -8.90 5.40
N GLY A 279 0.60 -9.68 4.41
CA GLY A 279 1.15 -10.99 4.12
C GLY A 279 0.50 -12.08 4.99
N GLU A 280 0.54 -13.32 4.48
CA GLU A 280 -0.18 -14.44 5.04
C GLU A 280 0.20 -14.67 6.50
N ASP A 281 1.50 -14.60 6.80
CA ASP A 281 2.03 -14.93 8.11
C ASP A 281 1.54 -13.94 9.17
N ALA A 282 1.69 -12.64 8.90
CA ALA A 282 1.22 -11.64 9.86
C ALA A 282 -0.30 -11.69 9.97
N ASP A 283 -0.99 -11.96 8.84
CA ASP A 283 -2.44 -11.95 8.82
C ASP A 283 -2.99 -13.13 9.65
N ARG A 284 -2.25 -14.25 9.65
CA ARG A 284 -2.63 -15.43 10.42
C ARG A 284 -2.39 -15.17 11.91
N VAL A 285 -1.25 -14.55 12.25
CA VAL A 285 -1.02 -14.17 13.63
C VAL A 285 -2.16 -13.28 14.13
N ALA A 286 -2.50 -12.26 13.33
CA ALA A 286 -3.50 -11.27 13.73
C ALA A 286 -4.87 -11.93 13.86
N ARG A 287 -5.20 -12.81 12.91
CA ARG A 287 -6.40 -13.64 12.94
C ARG A 287 -6.48 -14.47 14.23
N ASP A 288 -5.38 -15.12 14.59
CA ASP A 288 -5.36 -16.01 15.75
C ASP A 288 -5.52 -15.20 17.03
N ASP A 289 -4.97 -13.98 17.05
CA ASP A 289 -5.18 -13.04 18.13
C ASP A 289 -6.66 -12.69 18.27
N LEU A 290 -7.27 -12.25 17.17
CA LEU A 290 -8.67 -11.83 17.13
C LEU A 290 -9.61 -12.93 17.64
N GLU A 291 -9.42 -14.16 17.18
CA GLU A 291 -10.39 -15.22 17.45
C GLU A 291 -10.24 -15.78 18.86
N SER A 292 -9.11 -15.51 19.52
CA SER A 292 -8.86 -16.01 20.87
C SER A 292 -8.96 -14.93 21.93
N ASN A 293 -9.23 -13.67 21.55
CA ASN A 293 -9.18 -12.56 22.49
C ASN A 293 -10.54 -12.41 23.19
N ALA A 294 -10.54 -12.46 24.54
CA ALA A 294 -11.77 -12.50 25.31
C ALA A 294 -12.53 -11.19 25.19
N LYS A 295 -11.81 -10.07 25.08
CA LYS A 295 -12.46 -8.76 24.95
C LYS A 295 -13.22 -8.69 23.65
N GLU A 296 -12.61 -9.19 22.56
CA GLU A 296 -13.21 -9.13 21.25
C GLU A 296 -14.37 -10.12 21.16
N ILE A 297 -14.21 -11.28 21.78
CA ILE A 297 -15.28 -12.28 21.75
C ILE A 297 -16.51 -11.75 22.48
N VAL A 298 -16.31 -11.18 23.69
CA VAL A 298 -17.44 -10.72 24.49
C VAL A 298 -18.17 -9.60 23.76
N GLU A 299 -17.42 -8.67 23.14
CA GLU A 299 -18.05 -7.55 22.46
C GLU A 299 -18.78 -8.04 21.22
N HIS A 300 -18.20 -9.03 20.54
CA HIS A 300 -18.87 -9.58 19.38
C HIS A 300 -20.17 -10.23 19.84
N ALA A 301 -20.10 -11.07 20.88
CA ALA A 301 -21.26 -11.78 21.37
C ALA A 301 -22.40 -10.83 21.72
N ILE A 302 -22.05 -9.75 22.43
CA ILE A 302 -23.00 -8.74 22.89
C ILE A 302 -23.66 -8.03 21.71
N SER A 303 -22.87 -7.74 20.66
CA SER A 303 -23.37 -7.13 19.45
C SER A 303 -24.42 -8.05 18.81
N VAL A 304 -24.14 -9.36 18.76
CA VAL A 304 -25.07 -10.27 18.11
C VAL A 304 -26.38 -10.31 18.89
N ARG A 305 -26.28 -10.35 20.23
CA ARG A 305 -27.45 -10.34 21.08
C ARG A 305 -28.29 -9.09 20.83
N SER A 306 -27.66 -7.90 20.74
CA SER A 306 -28.39 -6.67 20.45
C SER A 306 -29.10 -6.74 19.10
N SER A 307 -28.38 -7.20 18.06
CA SER A 307 -28.95 -7.34 16.72
C SER A 307 -30.20 -8.22 16.76
N LEU A 308 -30.10 -9.37 17.46
CA LEU A 308 -31.24 -10.28 17.59
C LEU A 308 -32.43 -9.61 18.27
N ALA A 309 -32.19 -8.76 19.28
CA ALA A 309 -33.27 -8.09 19.98
C ALA A 309 -33.94 -7.05 19.08
N GLU A 310 -33.16 -6.38 18.22
CA GLU A 310 -33.72 -5.40 17.31
C GLU A 310 -34.56 -6.08 16.23
N ILE A 311 -33.99 -7.10 15.58
CA ILE A 311 -34.66 -7.76 14.47
C ILE A 311 -35.94 -8.45 14.96
N ALA A 312 -35.97 -8.84 16.24
CA ALA A 312 -37.14 -9.50 16.81
C ALA A 312 -38.37 -8.60 16.80
N GLU A 313 -38.19 -7.28 16.72
CA GLU A 313 -39.32 -6.36 16.67
C GLU A 313 -40.09 -6.42 15.34
N VAL A 314 -39.50 -6.98 14.27
CA VAL A 314 -40.12 -6.90 12.96
C VAL A 314 -40.22 -8.26 12.27
N VAL A 315 -39.66 -9.33 12.86
CA VAL A 315 -39.74 -10.65 12.25
C VAL A 315 -40.44 -11.63 13.19
N ASP A 316 -40.87 -12.76 12.62
CA ASP A 316 -41.49 -13.86 13.34
C ASP A 316 -40.48 -14.52 14.27
N PRO A 317 -40.81 -14.70 15.57
CA PRO A 317 -39.85 -15.22 16.56
C PRO A 317 -39.21 -16.57 16.21
N SER A 318 -39.99 -17.48 15.61
CA SER A 318 -39.51 -18.80 15.26
C SER A 318 -38.64 -18.77 14.01
N SER A 319 -38.52 -17.60 13.35
CA SER A 319 -37.72 -17.53 12.15
C SER A 319 -36.31 -16.98 12.42
N THR A 320 -36.02 -16.42 13.61
CA THR A 320 -34.75 -15.75 13.82
C THR A 320 -33.59 -16.76 13.89
N LYS A 321 -32.45 -16.37 13.33
CA LYS A 321 -31.28 -17.23 13.36
C LYS A 321 -30.01 -16.44 13.13
N VAL A 322 -28.90 -17.04 13.57
CA VAL A 322 -27.58 -16.52 13.32
C VAL A 322 -26.85 -17.53 12.46
N THR A 323 -26.31 -17.07 11.33
CA THR A 323 -25.50 -17.88 10.44
C THR A 323 -24.09 -17.29 10.38
N ASP A 324 -23.11 -18.15 10.07
CA ASP A 324 -21.71 -17.77 10.03
C ASP A 324 -21.33 -17.01 11.30
N PHE A 325 -21.74 -17.55 12.45
CA PHE A 325 -21.49 -16.94 13.75
C PHE A 325 -19.99 -16.75 13.97
N MET A 326 -19.63 -15.50 14.27
CA MET A 326 -18.31 -15.14 14.75
C MET A 326 -17.23 -15.71 13.83
N THR A 327 -17.43 -15.52 12.52
CA THR A 327 -16.45 -15.87 11.52
C THR A 327 -15.58 -14.65 11.22
N VAL A 328 -14.35 -14.91 10.78
CA VAL A 328 -13.42 -13.84 10.45
C VAL A 328 -13.77 -13.34 9.07
N ARG A 329 -13.94 -12.03 8.95
CA ARG A 329 -14.31 -11.42 7.69
C ARG A 329 -13.24 -10.42 7.29
N GLU A 330 -12.66 -10.63 6.10
CA GLU A 330 -11.50 -9.87 5.64
C GLU A 330 -11.96 -8.67 4.84
N ARG A 331 -11.43 -7.50 5.19
CA ARG A 331 -11.86 -6.23 4.62
C ARG A 331 -10.66 -5.33 4.33
N GLY A 332 -9.71 -5.83 3.52
CA GLY A 332 -8.65 -5.00 2.98
C GLY A 332 -7.52 -4.72 3.97
N SER A 333 -7.60 -3.61 4.71
CA SER A 333 -6.57 -3.23 5.68
C SER A 333 -6.87 -3.78 7.07
N VAL A 334 -8.03 -4.43 7.23
CA VAL A 334 -8.51 -4.91 8.53
C VAL A 334 -9.31 -6.19 8.31
N GLN A 335 -9.42 -6.97 9.38
CA GLN A 335 -10.29 -8.11 9.40
C GLN A 335 -11.08 -8.05 10.70
N HIS A 336 -12.28 -8.66 10.69
CA HIS A 336 -13.26 -8.46 11.74
C HIS A 336 -13.95 -9.77 12.11
N LEU A 337 -14.41 -9.87 13.36
CA LEU A 337 -15.39 -10.88 13.73
C LEU A 337 -16.76 -10.43 13.25
N GLY A 338 -17.44 -11.30 12.51
CA GLY A 338 -18.75 -10.97 11.98
C GLY A 338 -19.73 -12.12 12.09
N SER A 339 -21.02 -11.77 12.10
CA SER A 339 -22.12 -12.73 12.16
C SER A 339 -23.22 -12.21 11.26
N THR A 340 -24.10 -13.10 10.81
CA THR A 340 -25.25 -12.73 10.02
C THR A 340 -26.52 -13.12 10.78
N VAL A 341 -27.37 -12.13 11.05
CA VAL A 341 -28.60 -12.31 11.80
C VAL A 341 -29.76 -12.10 10.85
N SER A 342 -30.70 -13.05 10.81
CA SER A 342 -31.83 -12.99 9.89
C SER A 342 -33.14 -13.50 10.52
N GLY A 343 -34.23 -13.17 9.83
CA GLY A 343 -35.56 -13.62 10.18
C GLY A 343 -36.53 -13.30 9.05
N GLU A 344 -37.81 -13.62 9.25
CA GLU A 344 -38.85 -13.44 8.25
C GLU A 344 -39.70 -12.24 8.66
N LEU A 345 -39.85 -11.27 7.77
CA LEU A 345 -40.59 -10.04 8.06
C LEU A 345 -42.01 -10.40 8.47
N SER A 346 -42.51 -9.79 9.55
CA SER A 346 -43.82 -10.10 10.09
C SER A 346 -44.92 -9.45 9.23
N ALA A 347 -46.12 -10.04 9.24
CA ALA A 347 -47.29 -9.42 8.66
C ALA A 347 -47.50 -8.02 9.24
N GLY A 348 -47.72 -7.03 8.38
CA GLY A 348 -47.96 -5.67 8.81
C GLY A 348 -46.69 -4.83 8.91
N MET A 349 -45.51 -5.46 8.78
CA MET A 349 -44.25 -4.73 8.84
C MET A 349 -43.74 -4.49 7.42
N THR A 350 -43.09 -3.35 7.21
CA THR A 350 -42.49 -3.01 5.94
C THR A 350 -40.97 -3.05 6.05
N ARG A 351 -40.31 -2.92 4.90
CA ARG A 351 -38.87 -2.85 4.82
C ARG A 351 -38.35 -1.65 5.64
N MET A 352 -39.11 -0.56 5.67
CA MET A 352 -38.69 0.60 6.44
C MET A 352 -38.78 0.32 7.93
N ASP A 353 -39.78 -0.43 8.38
CA ASP A 353 -39.85 -0.80 9.79
C ASP A 353 -38.58 -1.55 10.19
N ALA A 354 -38.12 -2.44 9.30
CA ALA A 354 -36.92 -3.22 9.51
C ALA A 354 -35.69 -2.31 9.59
N LEU A 355 -35.55 -1.38 8.62
CA LEU A 355 -34.45 -0.43 8.63
C LEU A 355 -34.44 0.37 9.94
N GLU A 356 -35.59 0.93 10.33
CA GLU A 356 -35.71 1.74 11.54
C GLU A 356 -35.33 0.96 12.80
N ALA A 357 -35.73 -0.31 12.89
CA ALA A 357 -35.43 -1.12 14.06
C ALA A 357 -33.92 -1.30 14.24
N LEU A 358 -33.19 -1.37 13.11
CA LEU A 358 -31.80 -1.78 13.07
C LEU A 358 -30.86 -0.58 12.94
N PHE A 359 -31.43 0.62 12.81
CA PHE A 359 -30.67 1.81 12.45
C PHE A 359 -30.45 2.70 13.68
N PRO A 360 -29.25 3.32 13.84
CA PRO A 360 -28.08 2.99 13.03
C PRO A 360 -27.51 1.66 13.51
N ALA A 361 -26.63 1.05 12.71
CA ALA A 361 -26.07 -0.24 13.05
C ALA A 361 -25.51 -0.24 14.47
N VAL A 362 -25.90 -1.25 15.27
CA VAL A 362 -25.40 -1.36 16.63
C VAL A 362 -23.88 -1.28 16.64
N THR A 363 -23.22 -1.88 15.64
CA THR A 363 -21.78 -2.01 15.67
C THR A 363 -21.08 -0.69 15.31
N ALA A 364 -21.85 0.32 14.88
CA ALA A 364 -21.33 1.63 14.59
C ALA A 364 -21.89 2.69 15.54
N SER A 365 -22.55 2.26 16.62
CA SER A 365 -23.15 3.21 17.55
C SER A 365 -22.72 2.94 18.98
N GLY A 366 -23.31 1.93 19.65
CA GLY A 366 -22.91 1.61 21.01
C GLY A 366 -23.93 0.77 21.76
N ILE A 367 -23.67 0.59 23.06
CA ILE A 367 -24.42 -0.32 23.91
C ILE A 367 -24.54 0.29 25.30
N PRO A 368 -25.76 0.49 25.84
CA PRO A 368 -27.01 0.34 25.09
C PRO A 368 -27.09 1.38 23.96
N LYS A 369 -27.92 1.10 22.96
CA LYS A 369 -27.89 1.91 21.75
C LYS A 369 -28.34 3.35 22.02
N ALA A 370 -29.36 3.56 22.87
CA ALA A 370 -29.84 4.92 23.11
C ALA A 370 -28.71 5.76 23.67
N GLU A 371 -28.03 5.22 24.69
CA GLU A 371 -26.94 5.94 25.34
C GLU A 371 -25.78 6.10 24.37
N GLY A 372 -25.55 5.11 23.50
CA GLY A 372 -24.45 5.17 22.55
C GLY A 372 -24.62 6.28 21.51
N VAL A 373 -25.85 6.38 20.98
CA VAL A 373 -26.18 7.40 20.00
C VAL A 373 -26.05 8.79 20.64
N ASP A 374 -26.54 8.93 21.88
CA ASP A 374 -26.50 10.19 22.59
C ASP A 374 -25.03 10.62 22.79
N ALA A 375 -24.18 9.67 23.16
CA ALA A 375 -22.75 9.92 23.36
C ALA A 375 -22.07 10.33 22.05
N ILE A 376 -22.47 9.73 20.91
CA ILE A 376 -21.98 10.17 19.60
C ILE A 376 -22.39 11.61 19.32
N LEU A 377 -23.64 12.00 19.62
CA LEU A 377 -24.09 13.35 19.33
C LEU A 377 -23.30 14.37 20.15
N ARG A 378 -22.88 14.00 21.37
CA ARG A 378 -22.15 14.90 22.24
C ARG A 378 -20.64 14.85 21.97
N LEU A 379 -20.06 13.67 21.65
CA LEU A 379 -18.61 13.52 21.73
C LEU A 379 -17.94 13.30 20.37
N ASP A 380 -18.72 13.18 19.27
CA ASP A 380 -18.20 13.07 17.91
C ASP A 380 -18.51 14.36 17.17
N ASP A 381 -17.70 14.72 16.16
CA ASP A 381 -18.05 15.86 15.31
C ASP A 381 -19.43 15.61 14.72
N HIS A 382 -20.26 16.66 14.68
CA HIS A 382 -21.63 16.52 14.26
C HIS A 382 -21.85 17.48 13.11
N PRO A 383 -22.76 17.16 12.16
CA PRO A 383 -23.38 15.83 12.11
C PRO A 383 -22.43 14.75 11.52
N ARG A 384 -22.69 13.48 11.84
CA ARG A 384 -21.99 12.38 11.17
C ARG A 384 -22.36 12.37 9.69
N GLY A 385 -23.62 12.70 9.43
CA GLY A 385 -24.17 12.68 8.08
C GLY A 385 -24.18 11.28 7.49
N LEU A 386 -23.53 11.12 6.33
CA LEU A 386 -23.57 9.86 5.63
C LEU A 386 -22.77 8.79 6.39
N TYR A 387 -21.71 9.20 7.08
CA TYR A 387 -20.89 8.28 7.85
C TYR A 387 -21.69 7.53 8.93
N SER A 388 -21.66 6.20 8.83
CA SER A 388 -22.30 5.27 9.74
C SER A 388 -23.80 5.27 9.49
N GLY A 389 -24.22 5.94 8.42
CA GLY A 389 -25.55 5.78 7.87
C GLY A 389 -25.59 4.62 6.87
N ALA A 390 -26.44 4.74 5.84
CA ALA A 390 -26.50 3.70 4.83
C ALA A 390 -26.55 4.28 3.41
N VAL A 391 -26.02 3.51 2.47
CA VAL A 391 -26.34 3.67 1.07
C VAL A 391 -27.34 2.56 0.70
N VAL A 392 -28.41 2.94 0.01
CA VAL A 392 -29.57 2.06 -0.12
C VAL A 392 -29.98 1.93 -1.59
N MET A 393 -30.47 0.73 -1.90
CA MET A 393 -31.22 0.45 -3.11
C MET A 393 -32.56 -0.15 -2.71
N LEU A 394 -33.65 0.45 -3.17
CA LEU A 394 -35.00 0.00 -2.88
C LEU A 394 -35.65 -0.45 -4.18
N SER A 395 -36.23 -1.65 -4.19
CA SER A 395 -36.75 -2.24 -5.40
C SER A 395 -38.27 -2.35 -5.32
N PRO A 396 -38.99 -2.23 -6.46
CA PRO A 396 -40.46 -2.22 -6.44
C PRO A 396 -41.15 -3.50 -5.96
N ASN A 397 -40.39 -4.59 -5.82
CA ASN A 397 -40.91 -5.83 -5.27
C ASN A 397 -40.91 -5.79 -3.74
N GLY A 398 -40.51 -4.67 -3.13
CA GLY A 398 -40.43 -4.58 -1.67
C GLY A 398 -39.02 -4.82 -1.14
N GLY A 399 -38.05 -5.03 -2.03
CA GLY A 399 -36.67 -5.22 -1.66
C GLY A 399 -36.05 -3.96 -1.04
N LEU A 400 -35.10 -4.18 -0.11
CA LEU A 400 -34.21 -3.16 0.39
C LEU A 400 -32.81 -3.74 0.59
N ASP A 401 -31.79 -2.93 0.31
CA ASP A 401 -30.40 -3.31 0.48
C ASP A 401 -29.69 -2.07 0.98
N ALA A 402 -29.32 -2.10 2.26
CA ALA A 402 -28.70 -0.95 2.90
C ALA A 402 -27.32 -1.34 3.40
N ALA A 403 -26.31 -0.89 2.67
CA ALA A 403 -24.92 -1.05 3.06
C ALA A 403 -24.57 -0.02 4.14
N LEU A 404 -23.87 -0.46 5.20
CA LEU A 404 -23.41 0.46 6.22
C LEU A 404 -22.29 1.32 5.64
N THR A 405 -22.42 2.64 5.79
CA THR A 405 -21.50 3.58 5.18
C THR A 405 -20.27 3.75 6.08
N LEU A 406 -19.29 2.87 5.89
CA LEU A 406 -17.97 2.97 6.48
C LEU A 406 -16.94 2.82 5.37
N ARG A 407 -15.67 3.06 5.70
CA ARG A 407 -14.57 2.93 4.75
C ARG A 407 -14.91 3.74 3.51
N SER A 408 -15.21 5.03 3.73
CA SER A 408 -15.75 5.88 2.69
C SER A 408 -15.06 7.24 2.70
N ALA A 409 -15.21 7.97 1.59
CA ALA A 409 -14.76 9.35 1.44
C ALA A 409 -15.94 10.23 1.04
N TYR A 410 -15.86 11.53 1.37
CA TYR A 410 -16.99 12.43 1.27
C TYR A 410 -16.51 13.82 0.83
N GLU A 411 -17.36 14.52 0.06
CA GLU A 411 -17.10 15.88 -0.35
C GLU A 411 -18.42 16.66 -0.36
N GLN A 412 -18.39 17.82 0.30
CA GLN A 412 -19.58 18.67 0.38
C GLN A 412 -19.18 20.08 0.78
N ASP A 413 -19.64 21.08 0.02
CA ASP A 413 -19.54 22.49 0.40
C ASP A 413 -18.09 22.89 0.58
N GLY A 414 -17.24 22.53 -0.39
CA GLY A 414 -15.84 22.92 -0.38
C GLY A 414 -14.96 22.14 0.59
N HIS A 415 -15.50 21.11 1.28
CA HIS A 415 -14.71 20.28 2.17
C HIS A 415 -14.68 18.82 1.69
N THR A 416 -13.54 18.16 1.84
CA THR A 416 -13.42 16.75 1.50
C THR A 416 -12.80 16.01 2.69
N TRP A 417 -13.35 14.85 3.05
CA TRP A 417 -12.86 14.16 4.25
C TRP A 417 -12.99 12.64 4.19
N LEU A 418 -12.13 12.00 5.00
CA LEU A 418 -12.25 10.61 5.39
C LEU A 418 -12.80 10.55 6.82
N ARG A 419 -13.17 9.35 7.29
CA ARG A 419 -13.68 9.20 8.64
C ARG A 419 -13.64 7.74 9.05
N ALA A 420 -13.09 7.50 10.23
CA ALA A 420 -12.85 6.17 10.74
C ALA A 420 -12.98 6.26 12.26
N GLY A 421 -13.44 5.16 12.86
CA GLY A 421 -13.69 5.13 14.29
C GLY A 421 -13.29 3.79 14.89
N ALA A 422 -13.66 3.62 16.16
CA ALA A 422 -13.27 2.44 16.92
C ALA A 422 -14.24 2.26 18.08
N GLY A 423 -14.45 0.99 18.48
CA GLY A 423 -15.27 0.66 19.63
C GLY A 423 -14.52 0.91 20.94
N ILE A 424 -15.12 1.73 21.79
CA ILE A 424 -14.53 2.12 23.06
C ILE A 424 -15.31 1.46 24.19
N ILE A 425 -14.56 0.75 25.03
CA ILE A 425 -15.11 0.16 26.24
C ILE A 425 -14.25 0.65 27.40
N GLU A 426 -14.61 0.24 28.62
CA GLU A 426 -14.06 0.88 29.82
C GLU A 426 -12.52 0.84 29.78
N ALA A 427 -11.94 -0.28 29.32
CA ALA A 427 -10.50 -0.48 29.36
C ALA A 427 -9.77 0.05 28.12
N SER A 428 -10.46 0.68 27.16
CA SER A 428 -9.83 1.14 25.92
C SER A 428 -8.77 2.21 26.21
N THR A 429 -7.67 2.21 25.45
CA THR A 429 -6.62 3.22 25.56
C THR A 429 -6.63 4.12 24.32
N PRO A 430 -6.39 5.43 24.48
CA PRO A 430 -6.38 6.36 23.34
C PRO A 430 -5.37 5.99 22.26
N GLU A 431 -4.17 5.54 22.66
CA GLU A 431 -3.14 5.14 21.70
C GLU A 431 -3.62 4.00 20.80
N ARG A 432 -4.21 2.96 21.40
CA ARG A 432 -4.65 1.81 20.63
C ARG A 432 -5.85 2.19 19.77
N GLU A 433 -6.77 3.03 20.28
CA GLU A 433 -7.95 3.41 19.49
C GLU A 433 -7.54 4.26 18.30
N PHE A 434 -6.59 5.19 18.50
CA PHE A 434 -6.07 6.01 17.43
C PHE A 434 -5.42 5.12 16.37
N GLU A 435 -4.63 4.13 16.77
CA GLU A 435 -3.99 3.21 15.85
C GLU A 435 -5.05 2.41 15.09
N GLU A 436 -6.15 2.01 15.76
CA GLU A 436 -7.20 1.28 15.06
C GLU A 436 -7.79 2.15 13.95
N THR A 437 -7.98 3.44 14.21
CA THR A 437 -8.55 4.32 13.20
C THR A 437 -7.64 4.41 11.98
N CYS A 438 -6.31 4.45 12.22
CA CYS A 438 -5.32 4.44 11.16
C CYS A 438 -5.41 3.18 10.31
N GLU A 439 -5.56 2.01 10.96
CA GLU A 439 -5.67 0.73 10.26
C GLU A 439 -6.88 0.74 9.32
N LYS A 440 -8.01 1.26 9.77
CA LYS A 440 -9.22 1.29 8.95
C LYS A 440 -9.11 2.33 7.85
N LEU A 441 -8.35 3.40 8.12
CA LEU A 441 -8.10 4.42 7.11
C LEU A 441 -7.16 3.85 6.05
N GLY A 442 -6.43 2.78 6.37
CA GLY A 442 -5.50 2.16 5.44
C GLY A 442 -6.21 1.63 4.19
N SER A 443 -7.55 1.50 4.29
CA SER A 443 -8.42 1.00 3.24
C SER A 443 -8.53 1.98 2.07
N ILE A 444 -8.33 3.27 2.34
CA ILE A 444 -8.80 4.30 1.43
C ILE A 444 -7.78 5.42 1.28
N ALA A 445 -7.15 5.84 2.38
CA ALA A 445 -6.26 7.00 2.39
C ALA A 445 -5.15 6.91 1.34
N PRO A 446 -4.47 5.76 1.16
CA PRO A 446 -3.42 5.63 0.14
C PRO A 446 -3.87 5.66 -1.31
N TYR A 447 -5.18 5.53 -1.57
CA TYR A 447 -5.71 5.43 -2.92
C TYR A 447 -6.41 6.73 -3.36
N VAL A 448 -6.31 7.80 -2.55
CA VAL A 448 -6.99 9.06 -2.85
C VAL A 448 -6.27 9.82 -3.96
N ILE A 449 -7.01 10.18 -5.02
CA ILE A 449 -6.42 10.79 -6.20
C ILE A 449 -6.87 12.24 -6.30
N LYS A 450 -5.90 13.14 -6.51
CA LYS A 450 -6.17 14.56 -6.65
C LYS A 450 -6.82 14.86 -8.00
N ARG A 451 -7.87 15.67 -7.94
CA ARG A 451 -8.50 16.23 -9.14
C ARG A 451 -7.67 17.42 -9.61
N GLU A 452 -7.03 17.31 -10.78
CA GLU A 452 -6.37 18.46 -11.37
C GLU A 452 -7.19 18.96 -12.56
N TRP B 17 45.68 6.80 11.17
CA TRP B 17 45.81 5.92 9.98
C TRP B 17 47.24 5.43 9.83
N VAL B 18 47.40 4.12 9.67
CA VAL B 18 48.71 3.48 9.55
C VAL B 18 48.82 2.83 8.17
N SER B 19 49.89 3.16 7.46
CA SER B 19 50.21 2.52 6.21
C SER B 19 50.69 1.09 6.47
N VAL B 20 50.08 0.10 5.82
CA VAL B 20 50.50 -1.29 5.95
C VAL B 20 51.43 -1.64 4.79
N GLN B 21 51.01 -1.28 3.57
CA GLN B 21 51.61 -1.76 2.35
C GLN B 21 51.64 -0.65 1.31
N GLU B 22 52.78 -0.50 0.63
CA GLU B 22 52.89 0.30 -0.58
C GLU B 22 52.57 -0.61 -1.78
N GLY B 23 51.64 -0.18 -2.63
CA GLY B 23 51.20 -1.00 -3.74
C GLY B 23 50.54 -2.29 -3.26
N LEU B 24 50.02 -3.09 -4.19
CA LEU B 24 49.42 -4.35 -3.84
C LEU B 24 50.49 -5.44 -3.92
N PRO B 25 50.39 -6.51 -3.09
CA PRO B 25 51.26 -7.66 -3.27
C PRO B 25 50.94 -8.31 -4.63
N ASP B 26 51.96 -8.86 -5.29
CA ASP B 26 51.75 -9.58 -6.52
C ASP B 26 50.69 -10.65 -6.28
N GLY B 27 49.74 -10.77 -7.21
CA GLY B 27 48.68 -11.76 -7.13
C GLY B 27 47.52 -11.33 -6.22
N PHE B 28 47.43 -10.02 -5.95
CA PHE B 28 46.28 -9.47 -5.25
C PHE B 28 45.74 -8.31 -6.09
N ALA B 29 44.62 -8.58 -6.76
CA ALA B 29 43.68 -7.55 -7.15
C ALA B 29 43.01 -7.03 -5.88
N PRO B 30 42.70 -5.70 -5.79
CA PRO B 30 42.10 -5.14 -4.58
C PRO B 30 40.90 -5.92 -4.04
N ALA B 31 40.02 -6.37 -4.94
CA ALA B 31 38.86 -7.17 -4.58
C ALA B 31 39.30 -8.44 -3.86
N ASP B 32 40.41 -9.03 -4.31
CA ASP B 32 40.88 -10.30 -3.78
C ASP B 32 41.40 -10.10 -2.36
N LEU B 33 42.14 -9.00 -2.13
CA LEU B 33 42.67 -8.75 -0.80
C LEU B 33 41.52 -8.42 0.15
N ALA B 34 40.58 -7.59 -0.31
CA ALA B 34 39.42 -7.24 0.50
C ALA B 34 38.70 -8.51 0.93
N GLY B 35 38.41 -9.38 -0.04
CA GLY B 35 37.68 -10.61 0.22
C GLY B 35 38.46 -11.57 1.11
N ALA B 36 39.78 -11.66 0.89
CA ALA B 36 40.64 -12.48 1.74
C ALA B 36 40.67 -11.93 3.17
N LEU B 37 40.79 -10.60 3.32
CA LEU B 37 40.82 -10.00 4.65
C LEU B 37 39.48 -10.21 5.36
N ALA B 38 38.37 -10.22 4.61
CA ALA B 38 37.08 -10.52 5.20
C ALA B 38 37.12 -11.92 5.83
N GLN B 39 37.60 -12.92 5.07
CA GLN B 39 37.57 -14.29 5.55
C GLN B 39 38.52 -14.43 6.75
N GLU B 40 39.67 -13.73 6.72
CA GLU B 40 40.72 -14.04 7.66
C GLU B 40 40.61 -13.25 8.96
N ILE B 41 39.81 -12.17 8.99
CA ILE B 41 39.71 -11.37 10.20
C ILE B 41 38.28 -11.40 10.72
N PRO B 42 37.28 -10.64 10.20
CA PRO B 42 35.93 -10.67 10.77
C PRO B 42 35.21 -12.02 10.74
N GLU B 43 35.32 -12.79 9.64
CA GLU B 43 34.63 -14.07 9.58
C GLU B 43 35.21 -15.02 10.64
N ARG B 44 36.53 -14.94 10.83
CA ARG B 44 37.25 -15.75 11.80
C ARG B 44 36.83 -15.42 13.24
N HIS B 45 36.61 -14.14 13.56
CA HIS B 45 36.36 -13.71 14.93
C HIS B 45 34.86 -13.56 15.22
N GLY B 46 34.01 -13.78 14.22
CA GLY B 46 32.56 -13.62 14.36
C GLY B 46 32.09 -12.17 14.31
N ASP B 47 32.97 -11.25 13.87
CA ASP B 47 32.64 -9.83 13.75
C ASP B 47 31.62 -9.61 12.62
N GLU B 48 30.75 -8.61 12.81
CA GLU B 48 30.01 -8.03 11.69
C GLU B 48 30.99 -7.23 10.86
N TYR B 49 30.66 -7.02 9.58
CA TYR B 49 31.59 -6.33 8.70
C TYR B 49 30.87 -5.99 7.40
N LEU B 50 31.49 -5.08 6.65
CA LEU B 50 30.98 -4.67 5.34
C LEU B 50 32.14 -4.17 4.49
N ILE B 51 32.19 -4.67 3.26
CA ILE B 51 33.10 -4.19 2.23
C ILE B 51 32.29 -3.39 1.21
N TYR B 52 32.76 -2.18 0.93
CA TYR B 52 32.11 -1.29 -0.03
C TYR B 52 33.17 -0.83 -1.02
N GLU B 53 32.94 -1.13 -2.29
CA GLU B 53 33.82 -0.70 -3.37
C GLU B 53 33.21 0.51 -4.08
N ARG B 54 34.06 1.53 -4.26
CA ARG B 54 33.63 2.79 -4.86
C ARG B 54 34.83 3.46 -5.50
N ASP B 55 34.79 3.60 -6.82
CA ASP B 55 35.79 4.33 -7.61
C ASP B 55 37.20 3.81 -7.33
N GLY B 56 37.40 2.49 -7.44
CA GLY B 56 38.72 1.89 -7.29
C GLY B 56 39.22 1.81 -5.85
N GLU B 57 38.33 2.04 -4.87
CA GLU B 57 38.72 2.00 -3.48
C GLU B 57 37.74 1.10 -2.71
N TRP B 58 38.30 0.07 -2.06
CA TRP B 58 37.56 -0.84 -1.20
C TRP B 58 37.78 -0.41 0.25
N VAL B 59 36.67 -0.21 0.97
CA VAL B 59 36.69 -0.04 2.41
C VAL B 59 36.17 -1.32 3.03
N LEU B 60 36.96 -1.91 3.92
CA LEU B 60 36.50 -3.02 4.74
C LEU B 60 36.28 -2.50 6.16
N ALA B 61 35.01 -2.44 6.57
CA ALA B 61 34.61 -1.93 7.87
C ALA B 61 34.40 -3.13 8.80
N ILE B 62 35.13 -3.15 9.91
CA ILE B 62 35.19 -4.35 10.74
C ILE B 62 34.64 -4.06 12.12
N GLY B 63 33.73 -4.92 12.58
CA GLY B 63 33.20 -4.86 13.94
C GLY B 63 32.22 -3.69 14.10
N ALA B 64 31.25 -3.87 14.99
CA ALA B 64 30.22 -2.87 15.22
C ALA B 64 30.47 -2.15 16.54
N ARG B 65 31.28 -1.08 16.50
CA ARG B 65 31.41 -0.10 17.57
C ARG B 65 30.03 0.31 18.06
N ALA B 66 29.12 0.54 17.12
CA ALA B 66 27.73 0.83 17.45
C ALA B 66 26.88 0.60 16.20
N SER B 67 25.57 0.38 16.42
CA SER B 67 24.70 0.04 15.31
C SER B 67 23.29 0.59 15.54
N VAL B 68 22.59 0.77 14.43
CA VAL B 68 21.20 1.19 14.42
C VAL B 68 20.38 0.10 13.74
N GLU B 69 19.24 -0.23 14.37
CA GLU B 69 18.25 -1.10 13.79
C GLU B 69 16.96 -0.31 13.70
N LEU B 70 16.51 0.00 12.48
CA LEU B 70 15.24 0.65 12.26
C LEU B 70 14.26 -0.40 11.73
N ASP B 71 13.16 -0.57 12.47
CA ASP B 71 12.09 -1.49 12.11
C ASP B 71 10.80 -0.72 11.93
N SER B 72 9.76 -1.39 11.39
CA SER B 72 8.47 -0.74 11.17
C SER B 72 7.81 -0.32 12.49
N ASP B 73 8.22 -0.93 13.62
CA ASP B 73 7.58 -0.64 14.90
C ASP B 73 8.59 -0.29 15.99
N GLY B 74 9.77 0.22 15.63
CA GLY B 74 10.70 0.70 16.63
C GLY B 74 12.10 0.97 16.09
N LEU B 75 12.94 1.52 16.96
CA LEU B 75 14.30 1.92 16.64
C LEU B 75 15.19 1.48 17.80
N ARG B 76 16.33 0.84 17.49
CA ARG B 76 17.27 0.44 18.51
C ARG B 76 18.64 0.95 18.11
N ILE B 77 19.33 1.54 19.09
CA ILE B 77 20.70 1.96 18.95
C ILE B 77 21.48 1.12 19.96
N VAL B 78 22.49 0.41 19.45
CA VAL B 78 23.25 -0.57 20.20
C VAL B 78 24.69 -0.09 20.27
N ARG B 79 25.25 -0.04 21.49
CA ARG B 79 26.64 0.33 21.71
C ARG B 79 27.29 -0.76 22.57
N ASP B 80 28.06 -1.64 21.92
CA ASP B 80 28.78 -2.71 22.59
C ASP B 80 27.83 -3.45 23.53
N GLY B 81 26.71 -3.94 22.98
CA GLY B 81 25.75 -4.72 23.74
C GLY B 81 24.59 -3.90 24.31
N THR B 82 24.89 -2.67 24.77
CA THR B 82 23.91 -1.83 25.45
C THR B 82 22.90 -1.24 24.47
N ILE B 83 21.62 -1.50 24.73
CA ILE B 83 20.55 -1.18 23.80
C ILE B 83 19.73 0.01 24.30
N GLU B 84 19.73 1.10 23.54
CA GLU B 84 18.70 2.11 23.62
C GLU B 84 17.50 1.70 22.79
N LYS B 85 16.31 1.67 23.39
CA LYS B 85 15.06 1.55 22.66
C LYS B 85 14.46 2.94 22.46
N ARG B 86 13.93 3.18 21.26
CA ARG B 86 13.30 4.44 20.92
C ARG B 86 12.04 4.19 20.10
N ASP B 87 11.14 5.17 20.11
CA ASP B 87 10.01 5.18 19.21
C ASP B 87 10.37 6.12 18.05
N TRP B 88 9.64 5.97 16.95
CA TRP B 88 9.70 6.94 15.88
C TRP B 88 8.36 6.94 15.17
N SER B 89 8.07 8.05 14.50
CA SER B 89 6.86 8.18 13.73
C SER B 89 7.16 9.09 12.56
N GLY B 90 6.20 9.18 11.64
CA GLY B 90 6.36 9.93 10.41
C GLY B 90 7.23 9.15 9.44
N HIS B 91 8.21 9.85 8.85
CA HIS B 91 8.97 9.33 7.73
C HIS B 91 10.22 8.65 8.27
N PRO B 92 10.56 7.44 7.77
CA PRO B 92 11.69 6.67 8.31
C PRO B 92 13.05 7.33 8.10
N GLY B 93 13.18 8.17 7.05
CA GLY B 93 14.43 8.87 6.77
C GLY B 93 14.88 9.75 7.93
N ALA B 94 13.93 10.51 8.51
CA ALA B 94 14.22 11.44 9.59
C ALA B 94 14.70 10.69 10.83
N ALA B 95 14.09 9.54 11.12
CA ALA B 95 14.54 8.73 12.25
C ALA B 95 15.94 8.20 12.00
N LEU B 96 16.20 7.72 10.78
CA LEU B 96 17.45 7.07 10.45
C LEU B 96 18.61 8.07 10.48
N GLU B 97 18.38 9.25 9.89
CA GLU B 97 19.37 10.31 9.83
C GLU B 97 19.78 10.71 11.25
N GLN B 98 18.82 10.89 12.17
CA GLN B 98 19.13 11.17 13.55
C GLN B 98 20.03 10.09 14.15
N ALA B 99 19.62 8.83 13.96
CA ALA B 99 20.35 7.73 14.56
C ALA B 99 21.76 7.58 13.94
N VAL B 100 21.90 7.83 12.63
CA VAL B 100 23.20 7.80 11.97
C VAL B 100 24.10 8.91 12.54
N ASN B 101 23.56 10.13 12.69
CA ASN B 101 24.35 11.25 13.18
CA ASN B 101 24.37 11.24 13.17
C ASN B 101 24.84 10.94 14.60
N GLU B 102 23.99 10.25 15.38
CA GLU B 102 24.33 9.85 16.74
C GLU B 102 25.50 8.83 16.76
N ILE B 103 25.44 7.74 15.97
CA ILE B 103 26.46 6.71 16.09
C ILE B 103 27.75 7.10 15.39
N SER B 104 27.71 8.12 14.52
CA SER B 104 28.91 8.52 13.80
C SER B 104 29.86 9.33 14.70
N ASP B 105 29.35 9.91 15.80
CA ASP B 105 30.16 10.70 16.72
C ASP B 105 30.78 11.88 15.99
N GLY B 106 30.15 12.31 14.90
CA GLY B 106 30.67 13.38 14.07
C GLY B 106 31.95 13.02 13.30
N THR B 107 32.50 11.82 13.45
CA THR B 107 33.82 11.54 12.87
C THR B 107 33.88 10.22 12.09
N HIS B 108 33.01 9.25 12.38
CA HIS B 108 33.14 7.93 11.78
C HIS B 108 32.15 7.77 10.64
N ARG B 109 32.62 7.13 9.56
CA ARG B 109 31.76 6.65 8.50
C ARG B 109 30.81 5.57 9.02
N VAL B 110 29.62 5.50 8.42
CA VAL B 110 28.58 4.55 8.78
C VAL B 110 28.18 3.77 7.53
N PHE B 111 27.98 2.46 7.69
CA PHE B 111 27.71 1.57 6.57
C PHE B 111 26.52 0.69 6.89
N GLY B 112 25.86 0.19 5.83
CA GLY B 112 24.85 -0.83 6.05
C GLY B 112 23.92 -0.97 4.86
N TRP B 113 22.67 -1.34 5.17
CA TRP B 113 21.67 -1.56 4.13
C TRP B 113 20.32 -0.98 4.52
N VAL B 114 19.53 -0.67 3.49
CA VAL B 114 18.17 -0.20 3.60
C VAL B 114 17.30 -1.14 2.76
N ALA B 115 16.24 -1.67 3.38
CA ALA B 115 15.34 -2.62 2.74
C ALA B 115 14.37 -1.90 1.80
N PHE B 116 13.91 -2.63 0.79
CA PHE B 116 12.85 -2.19 -0.10
C PHE B 116 11.71 -1.52 0.69
N GLU B 117 11.32 -2.16 1.78
CA GLU B 117 10.12 -1.79 2.52
C GLU B 117 10.25 -0.37 3.11
N PHE B 118 11.47 0.15 3.26
CA PHE B 118 11.68 1.53 3.69
C PHE B 118 10.95 2.49 2.77
N GLY B 119 10.80 2.10 1.50
CA GLY B 119 10.18 2.93 0.50
C GLY B 119 8.66 3.01 0.57
N THR B 120 8.00 2.18 1.40
CA THR B 120 6.54 2.15 1.43
C THR B 120 5.95 3.42 2.05
N TYR B 121 6.74 4.10 2.90
CA TYR B 121 6.23 5.20 3.72
C TYR B 121 5.87 6.40 2.84
N ARG B 122 6.66 6.62 1.80
CA ARG B 122 6.44 7.69 0.84
C ARG B 122 5.07 7.55 0.18
N PHE B 123 4.59 6.32 -0.02
CA PHE B 123 3.38 6.09 -0.78
C PHE B 123 2.22 5.70 0.13
N ASN B 124 2.40 5.88 1.43
CA ASN B 124 1.34 5.67 2.42
C ASN B 124 0.91 4.22 2.45
N LEU B 125 1.88 3.32 2.23
CA LEU B 125 1.61 1.89 2.12
C LEU B 125 2.20 1.13 3.32
N GLN B 126 2.67 1.85 4.35
CA GLN B 126 3.34 1.22 5.49
C GLN B 126 2.38 0.37 6.32
N HIS B 127 1.06 0.54 6.14
CA HIS B 127 0.08 -0.34 6.77
C HIS B 127 0.20 -1.79 6.29
N ARG B 128 0.85 -2.03 5.14
CA ARG B 128 1.01 -3.36 4.55
C ARG B 128 2.21 -4.12 5.14
N LEU B 129 2.95 -3.47 6.04
CA LEU B 129 4.15 -4.07 6.62
C LEU B 129 3.77 -4.84 7.87
N ALA B 130 4.31 -6.06 7.98
CA ALA B 130 4.13 -6.89 9.17
C ALA B 130 4.81 -6.22 10.35
N PRO B 131 4.34 -6.45 11.58
CA PRO B 131 5.05 -5.99 12.77
C PRO B 131 6.52 -6.39 12.70
N GLY B 132 7.41 -5.48 13.09
CA GLY B 132 8.84 -5.75 13.18
C GLY B 132 9.53 -5.91 11.82
N THR B 133 8.99 -5.34 10.75
CA THR B 133 9.64 -5.46 9.46
C THR B 133 10.91 -4.64 9.45
N PRO B 134 12.10 -5.23 9.15
CA PRO B 134 13.34 -4.47 9.10
C PRO B 134 13.32 -3.45 7.97
N LEU B 135 13.73 -2.21 8.26
CA LEU B 135 13.81 -1.14 7.29
C LEU B 135 15.26 -0.80 6.96
N ALA B 136 16.13 -0.82 7.97
CA ALA B 136 17.54 -0.50 7.77
C ALA B 136 18.38 -1.05 8.92
N ARG B 137 19.64 -1.36 8.62
CA ARG B 137 20.63 -1.74 9.62
C ARG B 137 21.95 -1.09 9.21
N VAL B 138 22.51 -0.29 10.09
CA VAL B 138 23.78 0.37 9.81
C VAL B 138 24.65 0.30 11.06
N PHE B 139 25.95 0.48 10.87
CA PHE B 139 26.88 0.44 11.99
C PHE B 139 28.04 1.38 11.70
N ALA B 140 28.67 1.84 12.80
CA ALA B 140 29.99 2.47 12.79
C ALA B 140 31.02 1.42 13.17
N PRO B 141 32.07 1.21 12.36
CA PRO B 141 33.03 0.14 12.64
C PRO B 141 34.01 0.44 13.76
N ARG B 142 34.60 -0.62 14.32
CA ARG B 142 35.75 -0.49 15.20
C ARG B 142 36.96 -0.05 14.39
N ALA B 143 37.08 -0.59 13.18
CA ALA B 143 38.24 -0.29 12.37
C ALA B 143 37.87 -0.36 10.90
N GLU B 144 38.66 0.35 10.10
CA GLU B 144 38.53 0.35 8.67
C GLU B 144 39.87 -0.02 8.06
N VAL B 145 39.80 -0.91 7.07
CA VAL B 145 40.91 -1.20 6.18
C VAL B 145 40.56 -0.57 4.83
N VAL B 146 41.51 0.19 4.25
CA VAL B 146 41.27 0.81 2.97
C VAL B 146 42.27 0.28 1.94
N ILE B 147 41.73 -0.29 0.86
CA ILE B 147 42.53 -0.93 -0.17
C ILE B 147 42.33 -0.18 -1.49
N THR B 148 43.44 0.30 -2.05
CA THR B 148 43.49 0.79 -3.41
C THR B 148 44.63 0.07 -4.12
N ALA B 149 44.77 0.37 -5.41
CA ALA B 149 45.94 -0.02 -6.19
C ALA B 149 47.19 0.59 -5.56
N ASP B 150 47.08 1.80 -5.02
CA ASP B 150 48.20 2.50 -4.40
C ASP B 150 48.64 1.87 -3.07
N GLY B 151 47.79 1.08 -2.43
CA GLY B 151 48.21 0.40 -1.22
C GLY B 151 47.07 0.06 -0.25
N VAL B 152 47.47 -0.23 0.98
CA VAL B 152 46.59 -0.72 2.03
C VAL B 152 46.87 0.09 3.30
N SER B 153 45.82 0.73 3.83
CA SER B 153 45.88 1.44 5.10
C SER B 153 44.91 0.83 6.11
N VAL B 154 45.12 1.15 7.38
CA VAL B 154 44.25 0.67 8.44
C VAL B 154 44.19 1.73 9.53
N SER B 155 42.98 1.93 10.07
CA SER B 155 42.71 3.00 11.01
C SER B 155 43.37 2.73 12.37
N ASP B 156 43.74 1.48 12.62
CA ASP B 156 44.24 1.07 13.93
C ASP B 156 45.38 0.07 13.74
N GLU B 157 46.54 0.37 14.33
CA GLU B 157 47.78 -0.36 14.06
C GLU B 157 47.72 -1.77 14.63
N SER B 158 46.84 -2.04 15.60
CA SER B 158 46.70 -3.37 16.17
C SER B 158 46.23 -4.39 15.15
N TYR B 159 45.92 -3.96 13.92
CA TYR B 159 45.45 -4.86 12.87
C TYR B 159 46.58 -5.15 11.89
N VAL B 160 47.66 -4.39 11.96
CA VAL B 160 48.75 -4.50 11.00
C VAL B 160 49.29 -5.92 11.00
N GLU B 161 49.32 -6.55 12.17
CA GLU B 161 49.85 -7.89 12.34
C GLU B 161 49.11 -8.87 11.42
N ASP B 162 47.79 -8.97 11.60
CA ASP B 162 47.00 -9.96 10.87
C ASP B 162 46.96 -9.63 9.38
N ILE B 163 47.00 -8.35 9.01
CA ILE B 163 46.94 -7.96 7.62
C ILE B 163 48.21 -8.46 6.92
N SER B 164 49.36 -8.15 7.52
CA SER B 164 50.66 -8.53 6.94
C SER B 164 50.74 -10.04 6.80
N ARG B 165 50.24 -10.76 7.81
CA ARG B 165 50.32 -12.21 7.87
C ARG B 165 49.53 -12.83 6.71
N LEU B 166 48.36 -12.27 6.37
CA LEU B 166 47.57 -12.78 5.27
C LEU B 166 48.18 -12.37 3.94
N ILE B 167 48.89 -11.23 3.92
CA ILE B 167 49.55 -10.77 2.71
C ILE B 167 50.69 -11.73 2.38
N GLU B 168 51.58 -11.96 3.35
CA GLU B 168 52.80 -12.72 3.14
C GLU B 168 52.45 -14.20 2.90
N GLN B 169 51.56 -14.75 3.74
CA GLN B 169 51.12 -16.13 3.58
C GLN B 169 50.37 -16.28 2.27
N GLY B 170 49.67 -15.21 1.84
CA GLY B 170 49.25 -15.06 0.46
C GLY B 170 47.80 -15.48 0.22
N VAL B 171 47.47 -15.61 -1.07
CA VAL B 171 46.10 -15.59 -1.57
C VAL B 171 45.52 -17.00 -1.59
N PRO B 172 44.41 -17.26 -0.88
CA PRO B 172 43.59 -18.45 -1.13
C PRO B 172 43.33 -18.69 -2.62
N ALA B 173 43.42 -19.94 -3.06
CA ALA B 173 43.10 -20.28 -4.44
C ALA B 173 41.63 -20.68 -4.52
N ILE B 174 40.81 -19.84 -5.16
CA ILE B 174 39.36 -20.00 -5.12
C ILE B 174 38.99 -21.36 -5.71
N PRO B 175 38.16 -22.17 -5.03
CA PRO B 175 37.65 -23.41 -5.62
C PRO B 175 36.87 -23.18 -6.91
N ALA B 176 36.63 -24.28 -7.65
CA ALA B 176 35.73 -24.27 -8.78
C ALA B 176 34.34 -23.94 -8.27
N PRO B 177 33.54 -23.11 -8.99
CA PRO B 177 32.17 -22.82 -8.58
C PRO B 177 31.26 -24.04 -8.66
N ALA B 178 30.13 -23.95 -7.95
CA ALA B 178 29.11 -24.98 -7.95
C ALA B 178 28.12 -24.71 -9.09
N SER B 179 27.09 -25.54 -9.18
CA SER B 179 26.16 -25.49 -10.27
C SER B 179 24.77 -25.22 -9.70
N ILE B 180 24.04 -24.27 -10.31
CA ILE B 180 22.68 -23.96 -9.86
C ILE B 180 21.77 -23.95 -11.08
N ASP B 181 20.68 -24.70 -10.98
CA ASP B 181 19.71 -24.81 -12.04
C ASP B 181 18.78 -23.60 -11.97
N LEU B 182 18.79 -22.80 -13.04
CA LEU B 182 18.01 -21.57 -13.12
C LEU B 182 16.66 -21.84 -13.77
N ALA B 183 16.45 -23.05 -14.32
CA ALA B 183 15.34 -23.33 -15.22
C ALA B 183 14.02 -23.54 -14.49
N PRO B 184 13.96 -24.19 -13.31
CA PRO B 184 12.68 -24.39 -12.63
C PRO B 184 12.02 -23.09 -12.19
N ASP B 185 10.70 -23.12 -12.02
CA ASP B 185 9.91 -21.95 -11.70
C ASP B 185 8.97 -22.25 -10.53
N PRO B 186 9.50 -22.63 -9.34
CA PRO B 186 8.65 -23.00 -8.22
C PRO B 186 7.66 -21.92 -7.79
N SER B 187 8.08 -20.64 -7.88
CA SER B 187 7.26 -19.52 -7.44
C SER B 187 6.35 -18.99 -8.56
N ASP B 188 6.32 -19.68 -9.71
CA ASP B 188 5.41 -19.37 -10.80
C ASP B 188 5.60 -17.91 -11.27
N TYR B 189 6.84 -17.54 -11.56
CA TYR B 189 7.13 -16.25 -12.15
C TYR B 189 6.28 -16.06 -13.41
N ARG B 190 6.26 -17.08 -14.28
CA ARG B 190 5.58 -16.92 -15.57
C ARG B 190 4.11 -16.55 -15.35
N GLY B 191 3.46 -17.16 -14.35
CA GLY B 191 2.06 -16.89 -14.10
C GLY B 191 1.83 -15.51 -13.49
N ARG B 192 2.78 -15.05 -12.67
CA ARG B 192 2.66 -13.77 -11.99
C ARG B 192 2.84 -12.63 -13.00
N VAL B 193 3.69 -12.86 -14.00
CA VAL B 193 3.84 -11.93 -15.12
C VAL B 193 2.48 -11.72 -15.78
N GLY B 194 1.72 -12.81 -15.95
CA GLY B 194 0.38 -12.77 -16.52
C GLY B 194 -0.63 -12.01 -15.67
N ILE B 195 -0.55 -12.12 -14.34
CA ILE B 195 -1.42 -11.32 -13.48
C ILE B 195 -1.10 -9.83 -13.70
N ALA B 196 0.20 -9.50 -13.80
CA ALA B 196 0.64 -8.13 -13.92
C ALA B 196 0.20 -7.51 -15.25
N THR B 197 0.28 -8.26 -16.36
CA THR B 197 -0.14 -7.71 -17.64
C THR B 197 -1.64 -7.46 -17.65
N ALA B 198 -2.42 -8.29 -16.96
CA ALA B 198 -3.86 -8.05 -16.87
C ALA B 198 -4.15 -6.78 -16.05
N GLU B 199 -3.38 -6.56 -14.97
CA GLU B 199 -3.57 -5.36 -14.16
C GLU B 199 -3.22 -4.12 -14.98
N ILE B 200 -2.14 -4.19 -15.76
CA ILE B 200 -1.77 -3.11 -16.66
C ILE B 200 -2.88 -2.86 -17.67
N ARG B 201 -3.40 -3.93 -18.30
CA ARG B 201 -4.53 -3.78 -19.22
C ARG B 201 -5.71 -3.12 -18.51
N SER B 202 -5.86 -3.38 -17.22
CA SER B 202 -6.95 -2.82 -16.43
C SER B 202 -6.73 -1.34 -16.11
N GLY B 203 -5.50 -0.84 -16.29
CA GLY B 203 -5.21 0.58 -16.13
C GLY B 203 -4.62 0.93 -14.76
N LEU B 204 -4.19 -0.09 -14.02
CA LEU B 204 -3.79 0.07 -12.64
C LEU B 204 -2.39 0.71 -12.57
N TYR B 205 -1.53 0.40 -13.55
CA TYR B 205 -0.22 1.00 -13.65
C TYR B 205 0.34 0.71 -15.04
N HIS B 206 1.44 1.38 -15.39
CA HIS B 206 2.04 1.27 -16.71
C HIS B 206 3.10 0.17 -16.73
N LYS B 207 3.80 0.00 -15.61
CA LYS B 207 4.95 -0.88 -15.55
C LYS B 207 5.22 -1.28 -14.10
N VAL B 208 5.66 -2.53 -13.92
CA VAL B 208 6.10 -3.01 -12.62
C VAL B 208 7.28 -3.93 -12.87
N ILE B 209 8.28 -3.89 -11.97
CA ILE B 209 9.34 -4.89 -11.98
C ILE B 209 8.95 -5.99 -11.00
N LEU B 210 8.82 -7.23 -11.50
CA LEU B 210 8.57 -8.38 -10.66
C LEU B 210 9.79 -9.29 -10.75
N SER B 211 10.04 -10.03 -9.65
CA SER B 211 11.23 -10.84 -9.48
C SER B 211 10.85 -12.27 -9.12
N ARG B 212 11.83 -13.16 -9.22
CA ARG B 212 11.76 -14.51 -8.69
C ARG B 212 13.04 -14.77 -7.90
N ARG B 213 12.87 -15.42 -6.74
CA ARG B 213 13.98 -15.95 -5.94
C ARG B 213 14.44 -17.28 -6.56
N VAL B 214 15.74 -17.57 -6.48
CA VAL B 214 16.26 -18.90 -6.77
C VAL B 214 16.99 -19.37 -5.51
N GLU B 215 16.47 -20.44 -4.89
CA GLU B 215 17.04 -20.93 -3.64
C GLU B 215 18.31 -21.70 -4.00
N VAL B 216 19.42 -21.35 -3.34
CA VAL B 216 20.65 -22.10 -3.47
C VAL B 216 20.59 -23.27 -2.50
N PRO B 217 20.47 -24.52 -2.97
CA PRO B 217 20.24 -25.66 -2.07
C PRO B 217 21.55 -26.18 -1.50
N PHE B 218 22.37 -25.26 -1.00
CA PHE B 218 23.56 -25.57 -0.22
C PHE B 218 24.07 -24.28 0.44
N ALA B 219 25.03 -24.41 1.34
CA ALA B 219 25.61 -23.27 2.01
C ALA B 219 26.73 -22.70 1.14
N MET B 220 26.91 -21.36 1.20
CA MET B 220 27.80 -20.64 0.30
C MET B 220 29.03 -20.13 1.05
N ASP B 221 30.17 -20.04 0.35
CA ASP B 221 31.33 -19.28 0.81
C ASP B 221 31.24 -17.86 0.24
N PHE B 222 30.87 -16.90 1.10
CA PHE B 222 30.54 -15.56 0.65
C PHE B 222 31.80 -14.82 0.19
N PRO B 223 32.87 -14.75 1.01
CA PRO B 223 34.11 -14.10 0.58
C PRO B 223 34.65 -14.62 -0.75
N SER B 224 34.61 -15.96 -0.98
CA SER B 224 35.21 -16.51 -2.19
C SER B 224 34.31 -16.19 -3.38
N THR B 225 32.99 -16.41 -3.24
CA THR B 225 32.03 -16.07 -4.26
C THR B 225 32.16 -14.59 -4.64
N TYR B 226 32.26 -13.73 -3.63
CA TYR B 226 32.46 -12.31 -3.87
C TYR B 226 33.63 -12.08 -4.81
N ARG B 227 34.77 -12.74 -4.52
CA ARG B 227 36.00 -12.51 -5.26
C ARG B 227 35.90 -13.00 -6.70
N LEU B 228 35.31 -14.18 -6.88
CA LEU B 228 35.17 -14.76 -8.21
C LEU B 228 34.16 -13.94 -9.02
N GLY B 229 32.99 -13.69 -8.44
CA GLY B 229 31.98 -12.83 -9.06
C GLY B 229 32.54 -11.48 -9.50
N ARG B 230 33.46 -10.90 -8.73
CA ARG B 230 33.92 -9.55 -9.01
C ARG B 230 34.86 -9.55 -10.23
N HIS B 231 35.62 -10.64 -10.41
CA HIS B 231 36.48 -10.82 -11.57
C HIS B 231 35.65 -10.88 -12.85
N ASN B 232 34.36 -11.23 -12.74
CA ASN B 232 33.51 -11.43 -13.90
C ASN B 232 32.40 -10.38 -13.99
N ASN B 233 32.60 -9.21 -13.40
CA ASN B 233 31.58 -8.17 -13.37
C ASN B 233 32.25 -6.80 -13.47
N THR B 234 31.49 -5.81 -13.97
CA THR B 234 31.94 -4.44 -14.06
C THR B 234 30.88 -3.53 -13.44
N PRO B 235 30.77 -3.52 -12.10
CA PRO B 235 29.69 -2.79 -11.44
C PRO B 235 30.10 -1.37 -11.05
N VAL B 236 29.07 -0.57 -10.73
CA VAL B 236 29.27 0.79 -10.27
C VAL B 236 29.74 0.75 -8.81
N ARG B 237 29.21 -0.23 -8.06
CA ARG B 237 29.61 -0.50 -6.69
C ARG B 237 29.60 -2.01 -6.50
N SER B 238 30.43 -2.51 -5.58
CA SER B 238 30.29 -3.89 -5.12
C SER B 238 30.31 -3.87 -3.60
N PHE B 239 29.86 -4.98 -3.02
CA PHE B 239 29.76 -5.11 -1.57
C PHE B 239 29.76 -6.57 -1.19
N LEU B 240 30.23 -6.81 0.04
CA LEU B 240 30.10 -8.05 0.77
C LEU B 240 29.89 -7.68 2.24
N LEU B 241 28.87 -8.24 2.88
CA LEU B 241 28.57 -7.88 4.26
C LEU B 241 28.12 -9.10 5.07
N ARG B 242 28.36 -9.02 6.38
CA ARG B 242 27.66 -9.85 7.35
C ARG B 242 27.14 -8.92 8.45
N LEU B 243 25.82 -8.73 8.51
CA LEU B 243 25.23 -7.70 9.35
C LEU B 243 23.72 -7.89 9.54
N GLY B 244 23.36 -8.11 10.81
CA GLY B 244 21.96 -8.20 11.21
C GLY B 244 21.42 -9.62 11.02
N GLY B 245 22.30 -10.61 11.13
CA GLY B 245 21.99 -12.00 10.82
C GLY B 245 21.99 -12.31 9.31
N ILE B 246 22.28 -11.32 8.45
CA ILE B 246 22.27 -11.54 7.01
C ILE B 246 23.70 -11.52 6.48
N ARG B 247 24.02 -12.45 5.58
CA ARG B 247 25.16 -12.28 4.71
C ARG B 247 24.65 -11.89 3.33
N ALA B 248 25.39 -11.02 2.65
CA ALA B 248 25.02 -10.64 1.29
C ALA B 248 26.26 -10.17 0.53
N LEU B 249 26.23 -10.37 -0.79
CA LEU B 249 27.25 -9.84 -1.68
C LEU B 249 26.55 -9.43 -2.96
N GLY B 250 27.17 -8.52 -3.72
CA GLY B 250 26.52 -8.03 -4.93
C GLY B 250 27.38 -7.11 -5.79
N TYR B 251 26.98 -7.03 -7.07
CA TYR B 251 27.61 -6.20 -8.08
C TYR B 251 26.57 -5.20 -8.56
N SER B 252 26.43 -4.10 -7.82
CA SER B 252 25.39 -3.13 -8.06
C SER B 252 25.61 -2.49 -9.42
N PRO B 253 24.64 -2.56 -10.35
CA PRO B 253 24.78 -1.96 -11.66
C PRO B 253 24.53 -0.44 -11.70
N GLU B 254 24.08 0.18 -10.60
CA GLU B 254 23.70 1.59 -10.64
C GLU B 254 23.46 2.14 -9.24
N LEU B 255 23.67 3.46 -9.10
CA LEU B 255 23.31 4.21 -7.91
C LEU B 255 21.81 4.51 -7.90
N VAL B 256 21.19 4.31 -6.74
CA VAL B 256 19.86 4.86 -6.51
C VAL B 256 20.00 6.31 -6.04
N THR B 257 21.00 6.60 -5.20
CA THR B 257 21.24 7.97 -4.77
C THR B 257 22.69 8.10 -4.29
N ALA B 258 23.35 9.16 -4.77
CA ALA B 258 24.56 9.68 -4.16
C ALA B 258 24.34 11.15 -3.84
N VAL B 259 24.80 11.57 -2.66
CA VAL B 259 24.90 12.98 -2.31
C VAL B 259 26.37 13.25 -2.03
N GLU B 260 26.95 14.25 -2.70
CA GLU B 260 28.33 14.62 -2.45
C GLU B 260 28.38 15.73 -1.41
N ALA B 261 29.57 15.93 -0.85
CA ALA B 261 29.82 16.91 0.18
C ALA B 261 29.41 18.31 -0.29
N ASP B 262 29.67 18.59 -1.56
CA ASP B 262 29.37 19.89 -2.16
C ASP B 262 27.88 20.04 -2.45
N GLY B 263 27.08 18.98 -2.25
CA GLY B 263 25.63 19.07 -2.37
C GLY B 263 25.06 18.49 -3.66
N THR B 264 25.93 17.94 -4.53
CA THR B 264 25.48 17.31 -5.77
C THR B 264 24.74 16.00 -5.47
N VAL B 265 23.53 15.87 -6.04
CA VAL B 265 22.69 14.69 -5.92
C VAL B 265 22.71 13.98 -7.26
N VAL B 266 22.95 12.65 -7.23
CA VAL B 266 23.05 11.81 -8.42
C VAL B 266 22.13 10.59 -8.30
N THR B 267 21.50 10.20 -9.41
CA THR B 267 20.79 8.94 -9.53
C THR B 267 21.03 8.40 -10.95
N GLN B 268 21.00 7.08 -11.11
CA GLN B 268 21.35 6.47 -12.38
C GLN B 268 20.28 5.47 -12.80
N PRO B 269 19.17 5.92 -13.43
CA PRO B 269 18.19 4.99 -14.00
C PRO B 269 18.77 4.14 -15.14
N LEU B 270 18.88 2.84 -14.90
CA LEU B 270 19.15 1.87 -15.94
C LEU B 270 17.88 1.07 -16.19
N ALA B 271 17.44 1.08 -17.45
CA ALA B 271 16.19 0.45 -17.84
C ALA B 271 16.34 0.08 -19.31
N GLY B 272 16.08 -1.19 -19.63
CA GLY B 272 16.30 -1.76 -20.95
C GLY B 272 17.48 -2.71 -20.90
N THR B 273 17.26 -3.99 -21.25
CA THR B 273 18.23 -5.05 -21.02
C THR B 273 18.33 -5.99 -22.22
N ARG B 274 19.58 -6.31 -22.58
CA ARG B 274 19.93 -7.45 -23.39
C ARG B 274 21.11 -8.18 -22.78
N ALA B 275 21.31 -9.44 -23.23
CA ALA B 275 22.45 -10.24 -22.81
C ALA B 275 23.76 -9.58 -23.22
N PHE B 276 24.78 -9.86 -22.43
CA PHE B 276 26.15 -9.44 -22.67
C PHE B 276 27.06 -10.57 -22.21
N GLY B 277 28.33 -10.52 -22.64
CA GLY B 277 29.32 -11.53 -22.29
C GLY B 277 29.24 -12.80 -23.14
N ARG B 278 28.68 -12.74 -24.35
CA ARG B 278 28.58 -13.91 -25.21
C ARG B 278 29.50 -13.79 -26.42
N GLY B 279 30.60 -13.05 -26.29
CA GLY B 279 31.51 -12.80 -27.41
C GLY B 279 31.22 -11.48 -28.10
N GLU B 280 32.24 -10.92 -28.77
CA GLU B 280 32.17 -9.60 -29.39
C GLU B 280 31.03 -9.52 -30.39
N ASP B 281 30.82 -10.58 -31.17
CA ASP B 281 29.85 -10.53 -32.26
C ASP B 281 28.44 -10.51 -31.69
N ALA B 282 28.11 -11.50 -30.86
CA ALA B 282 26.75 -11.60 -30.32
C ALA B 282 26.42 -10.35 -29.49
N ASP B 283 27.42 -9.83 -28.77
CA ASP B 283 27.24 -8.69 -27.88
C ASP B 283 26.97 -7.41 -28.68
N ARG B 284 27.55 -7.32 -29.89
CA ARG B 284 27.35 -6.16 -30.73
C ARG B 284 25.96 -6.21 -31.37
N VAL B 285 25.52 -7.39 -31.78
CA VAL B 285 24.19 -7.57 -32.34
C VAL B 285 23.13 -7.26 -31.27
N ALA B 286 23.35 -7.74 -30.04
CA ALA B 286 22.41 -7.48 -28.95
C ALA B 286 22.37 -5.97 -28.65
N ARG B 287 23.53 -5.32 -28.70
CA ARG B 287 23.63 -3.89 -28.41
C ARG B 287 22.87 -3.08 -29.44
N ASP B 288 23.08 -3.41 -30.73
CA ASP B 288 22.39 -2.75 -31.83
C ASP B 288 20.88 -2.98 -31.72
N ASP B 289 20.44 -4.16 -31.31
CA ASP B 289 19.03 -4.39 -31.03
C ASP B 289 18.55 -3.45 -29.91
N LEU B 290 19.30 -3.37 -28.81
CA LEU B 290 18.88 -2.61 -27.64
C LEU B 290 18.69 -1.14 -28.00
N GLU B 291 19.68 -0.56 -28.67
CA GLU B 291 19.71 0.87 -28.94
C GLU B 291 18.66 1.30 -29.95
N SER B 292 18.15 0.36 -30.78
CA SER B 292 17.21 0.71 -31.84
C SER B 292 15.80 0.19 -31.54
N ASN B 293 15.61 -0.47 -30.40
CA ASN B 293 14.32 -1.07 -30.09
C ASN B 293 13.40 -0.01 -29.49
N ALA B 294 12.27 0.25 -30.14
CA ALA B 294 11.35 1.32 -29.78
C ALA B 294 10.79 1.15 -28.36
N LYS B 295 10.49 -0.08 -27.96
CA LYS B 295 9.92 -0.34 -26.65
C LYS B 295 10.95 -0.01 -25.56
N GLU B 296 12.21 -0.42 -25.75
CA GLU B 296 13.24 -0.14 -24.77
C GLU B 296 13.51 1.36 -24.69
N ILE B 297 13.49 2.04 -25.84
CA ILE B 297 13.77 3.47 -25.88
C ILE B 297 12.70 4.19 -25.07
N VAL B 298 11.43 3.82 -25.28
CA VAL B 298 10.31 4.52 -24.68
C VAL B 298 10.36 4.34 -23.17
N GLU B 299 10.55 3.10 -22.72
CA GLU B 299 10.59 2.82 -21.29
C GLU B 299 11.81 3.47 -20.65
N HIS B 300 12.92 3.57 -21.40
CA HIS B 300 14.08 4.28 -20.86
C HIS B 300 13.77 5.77 -20.66
N ALA B 301 13.17 6.40 -21.68
CA ALA B 301 12.87 7.83 -21.61
C ALA B 301 11.90 8.12 -20.47
N ILE B 302 10.90 7.25 -20.31
CA ILE B 302 9.89 7.39 -19.27
C ILE B 302 10.55 7.30 -17.88
N SER B 303 11.45 6.35 -17.70
CA SER B 303 12.20 6.21 -16.46
C SER B 303 12.98 7.49 -16.14
N VAL B 304 13.62 8.05 -17.16
CA VAL B 304 14.48 9.20 -16.93
C VAL B 304 13.59 10.39 -16.54
N ARG B 305 12.46 10.53 -17.23
CA ARG B 305 11.50 11.58 -16.91
C ARG B 305 11.01 11.43 -15.48
N SER B 306 10.78 10.19 -15.01
CA SER B 306 10.35 9.95 -13.64
C SER B 306 11.46 10.30 -12.65
N SER B 307 12.70 9.86 -12.92
CA SER B 307 13.82 10.24 -12.08
C SER B 307 13.88 11.75 -11.91
N LEU B 308 13.73 12.50 -13.02
CA LEU B 308 13.83 13.95 -13.00
C LEU B 308 12.71 14.54 -12.14
N ALA B 309 11.50 13.97 -12.17
CA ALA B 309 10.39 14.46 -11.37
C ALA B 309 10.65 14.23 -9.89
N GLU B 310 11.30 13.12 -9.55
CA GLU B 310 11.63 12.79 -8.17
C GLU B 310 12.75 13.69 -7.62
N ILE B 311 13.83 13.85 -8.38
CA ILE B 311 14.98 14.58 -7.87
C ILE B 311 14.62 16.06 -7.71
N ALA B 312 13.64 16.52 -8.51
CA ALA B 312 13.23 17.91 -8.49
C ALA B 312 12.59 18.27 -7.16
N GLU B 313 12.22 17.25 -6.37
CA GLU B 313 11.66 17.51 -5.05
C GLU B 313 12.73 18.04 -4.09
N VAL B 314 14.02 17.81 -4.38
CA VAL B 314 15.03 18.05 -3.36
C VAL B 314 16.19 18.87 -3.92
N VAL B 315 16.18 19.21 -5.22
CA VAL B 315 17.26 19.99 -5.82
C VAL B 315 16.69 21.26 -6.45
N ASP B 316 17.56 22.25 -6.67
CA ASP B 316 17.23 23.48 -7.37
C ASP B 316 16.92 23.16 -8.84
N PRO B 317 15.76 23.60 -9.37
CA PRO B 317 15.31 23.22 -10.71
C PRO B 317 16.26 23.67 -11.82
N SER B 318 16.87 24.85 -11.65
CA SER B 318 17.87 25.35 -12.57
C SER B 318 19.13 24.47 -12.58
N SER B 319 19.23 23.49 -11.67
CA SER B 319 20.45 22.70 -11.54
C SER B 319 20.30 21.32 -12.20
N THR B 320 19.08 20.91 -12.53
CA THR B 320 18.84 19.51 -12.86
C THR B 320 19.35 19.25 -14.28
N LYS B 321 19.91 18.06 -14.51
CA LYS B 321 20.45 17.74 -15.82
C LYS B 321 20.57 16.23 -15.95
N VAL B 322 20.61 15.79 -17.23
CA VAL B 322 20.90 14.42 -17.60
C VAL B 322 22.26 14.41 -18.29
N THR B 323 23.13 13.50 -17.84
CA THR B 323 24.41 13.29 -18.49
C THR B 323 24.47 11.84 -18.95
N ASP B 324 25.23 11.62 -20.04
CA ASP B 324 25.35 10.34 -20.71
C ASP B 324 23.95 9.76 -20.99
N PHE B 325 23.07 10.61 -21.54
CA PHE B 325 21.71 10.21 -21.84
C PHE B 325 21.65 8.91 -22.64
N MET B 326 20.97 7.91 -22.07
CA MET B 326 20.58 6.69 -22.77
C MET B 326 21.78 6.03 -23.46
N THR B 327 22.90 5.86 -22.74
CA THR B 327 24.09 5.19 -23.23
C THR B 327 24.09 3.72 -22.80
N VAL B 328 24.70 2.85 -23.61
CA VAL B 328 24.79 1.44 -23.29
C VAL B 328 25.80 1.24 -22.16
N ARG B 329 25.33 0.60 -21.08
CA ARG B 329 26.15 0.33 -19.91
C ARG B 329 26.31 -1.19 -19.78
N GLU B 330 27.56 -1.67 -19.84
CA GLU B 330 27.82 -3.11 -19.79
C GLU B 330 27.98 -3.56 -18.33
N ARG B 331 27.23 -4.62 -17.97
CA ARG B 331 27.16 -5.15 -16.61
C ARG B 331 27.25 -6.69 -16.60
N GLY B 332 28.38 -7.23 -17.10
CA GLY B 332 28.70 -8.64 -16.92
C GLY B 332 27.91 -9.56 -17.85
N SER B 333 26.79 -10.08 -17.35
CA SER B 333 25.91 -10.97 -18.10
C SER B 333 24.86 -10.19 -18.89
N VAL B 334 24.79 -8.87 -18.69
CA VAL B 334 23.78 -8.05 -19.31
C VAL B 334 24.39 -6.69 -19.64
N GLN B 335 23.70 -6.01 -20.57
CA GLN B 335 24.00 -4.64 -20.91
C GLN B 335 22.66 -3.89 -20.95
N HIS B 336 22.71 -2.60 -20.65
CA HIS B 336 21.51 -1.84 -20.35
C HIS B 336 21.61 -0.44 -20.93
N LEU B 337 20.45 0.14 -21.21
CA LEU B 337 20.36 1.57 -21.46
C LEU B 337 20.38 2.28 -20.11
N GLY B 338 21.28 3.27 -20.01
CA GLY B 338 21.52 3.99 -18.77
C GLY B 338 21.63 5.50 -18.99
N SER B 339 21.24 6.24 -17.94
CA SER B 339 21.30 7.70 -17.90
C SER B 339 21.70 8.10 -16.48
N THR B 340 22.28 9.30 -16.36
CA THR B 340 22.66 9.85 -15.08
C THR B 340 21.91 11.16 -14.88
N VAL B 341 21.15 11.25 -13.78
CA VAL B 341 20.33 12.40 -13.49
C VAL B 341 20.94 13.06 -12.27
N SER B 342 21.08 14.39 -12.32
CA SER B 342 21.77 15.08 -11.24
C SER B 342 21.21 16.48 -11.02
N GLY B 343 21.55 17.02 -9.84
CA GLY B 343 21.15 18.36 -9.44
C GLY B 343 21.86 18.78 -8.16
N GLU B 344 21.56 19.99 -7.68
CA GLU B 344 22.20 20.57 -6.52
C GLU B 344 21.20 20.63 -5.36
N LEU B 345 21.50 19.93 -4.27
CA LEU B 345 20.58 19.80 -3.15
C LEU B 345 20.09 21.18 -2.71
N SER B 346 18.78 21.32 -2.49
CA SER B 346 18.18 22.60 -2.13
C SER B 346 18.44 22.93 -0.66
N ALA B 347 18.34 24.23 -0.34
CA ALA B 347 18.37 24.73 1.03
C ALA B 347 17.28 24.04 1.85
N GLY B 348 17.63 23.64 3.07
CA GLY B 348 16.68 23.02 3.96
C GLY B 348 16.37 21.55 3.63
N MET B 349 17.09 20.93 2.70
CA MET B 349 16.95 19.51 2.37
C MET B 349 18.19 18.78 2.86
N THR B 350 18.03 17.51 3.26
CA THR B 350 19.14 16.70 3.75
C THR B 350 19.44 15.57 2.75
N ARG B 351 20.55 14.86 3.01
CA ARG B 351 20.92 13.72 2.17
C ARG B 351 19.84 12.65 2.27
N MET B 352 19.18 12.55 3.43
CA MET B 352 18.19 11.52 3.64
C MET B 352 16.88 11.88 2.92
N ASP B 353 16.56 13.19 2.80
CA ASP B 353 15.42 13.64 2.00
C ASP B 353 15.65 13.23 0.54
N ALA B 354 16.90 13.35 0.07
CA ALA B 354 17.27 12.97 -1.27
C ALA B 354 17.01 11.48 -1.47
N LEU B 355 17.49 10.66 -0.55
CA LEU B 355 17.37 9.22 -0.67
C LEU B 355 15.89 8.83 -0.65
N GLU B 356 15.09 9.43 0.24
CA GLU B 356 13.67 9.13 0.35
C GLU B 356 12.91 9.50 -0.92
N ALA B 357 13.25 10.63 -1.55
CA ALA B 357 12.56 11.05 -2.76
C ALA B 357 12.77 10.04 -3.89
N LEU B 358 13.96 9.42 -3.93
CA LEU B 358 14.33 8.55 -5.05
C LEU B 358 14.13 7.06 -4.76
N PHE B 359 13.70 6.72 -3.53
CA PHE B 359 13.68 5.33 -3.09
C PHE B 359 12.26 4.77 -3.11
N PRO B 360 12.03 3.50 -3.52
CA PRO B 360 13.05 2.65 -4.16
C PRO B 360 13.25 3.07 -5.62
N ALA B 361 14.38 2.69 -6.22
CA ALA B 361 14.67 3.11 -7.60
C ALA B 361 13.43 2.87 -8.47
N VAL B 362 13.05 3.88 -9.25
CA VAL B 362 11.95 3.74 -10.19
C VAL B 362 12.21 2.53 -11.10
N THR B 363 13.47 2.31 -11.48
CA THR B 363 13.81 1.25 -12.41
C THR B 363 13.73 -0.14 -11.78
N ALA B 364 13.57 -0.25 -10.44
CA ALA B 364 13.36 -1.56 -9.83
C ALA B 364 11.97 -1.67 -9.20
N SER B 365 11.09 -0.69 -9.45
CA SER B 365 9.79 -0.66 -8.81
C SER B 365 8.68 -0.64 -9.87
N GLY B 366 8.35 0.54 -10.41
CA GLY B 366 7.42 0.65 -11.52
C GLY B 366 6.88 2.06 -11.67
N ILE B 367 5.84 2.21 -12.51
CA ILE B 367 5.33 3.50 -12.93
C ILE B 367 3.81 3.41 -13.13
N PRO B 368 2.97 4.27 -12.51
CA PRO B 368 3.35 5.18 -11.42
C PRO B 368 3.80 4.39 -10.21
N LYS B 369 4.71 4.97 -9.43
CA LYS B 369 5.51 4.21 -8.51
C LYS B 369 4.66 3.71 -7.35
N ALA B 370 3.68 4.50 -6.89
CA ALA B 370 2.81 4.06 -5.81
C ALA B 370 2.09 2.77 -6.16
N GLU B 371 1.60 2.66 -7.40
CA GLU B 371 0.86 1.47 -7.80
C GLU B 371 1.83 0.35 -8.13
N GLY B 372 3.04 0.71 -8.58
CA GLY B 372 4.08 -0.27 -8.77
C GLY B 372 4.48 -0.95 -7.46
N VAL B 373 4.73 -0.14 -6.43
CA VAL B 373 5.13 -0.67 -5.12
C VAL B 373 4.02 -1.53 -4.54
N ASP B 374 2.78 -1.05 -4.66
CA ASP B 374 1.60 -1.80 -4.23
C ASP B 374 1.64 -3.18 -4.88
N ALA B 375 1.87 -3.22 -6.20
CA ALA B 375 1.84 -4.47 -6.95
C ALA B 375 2.95 -5.40 -6.47
N ILE B 376 4.12 -4.86 -6.12
CA ILE B 376 5.23 -5.70 -5.70
C ILE B 376 4.94 -6.33 -4.34
N LEU B 377 4.30 -5.57 -3.44
CA LEU B 377 3.89 -6.10 -2.15
C LEU B 377 2.99 -7.34 -2.33
N ARG B 378 2.13 -7.34 -3.37
CA ARG B 378 1.17 -8.40 -3.61
C ARG B 378 1.74 -9.54 -4.47
N LEU B 379 2.54 -9.22 -5.49
CA LEU B 379 2.85 -10.18 -6.53
C LEU B 379 4.27 -10.71 -6.42
N ASP B 380 5.13 -10.08 -5.61
CA ASP B 380 6.46 -10.63 -5.34
C ASP B 380 6.47 -11.35 -4.00
N ASP B 381 7.34 -12.35 -3.86
CA ASP B 381 7.64 -12.93 -2.56
C ASP B 381 8.02 -11.78 -1.61
N HIS B 382 7.42 -11.80 -0.43
CA HIS B 382 7.53 -10.70 0.51
C HIS B 382 8.18 -11.23 1.78
N PRO B 383 9.03 -10.43 2.46
CA PRO B 383 9.44 -9.12 1.96
C PRO B 383 10.53 -9.26 0.90
N ARG B 384 10.73 -8.21 0.09
CA ARG B 384 11.89 -8.14 -0.78
C ARG B 384 13.15 -7.99 0.07
N GLY B 385 13.03 -7.28 1.19
CA GLY B 385 14.15 -7.08 2.08
C GLY B 385 15.26 -6.28 1.41
N LEU B 386 16.48 -6.81 1.41
CA LEU B 386 17.62 -6.13 0.83
C LEU B 386 17.46 -5.94 -0.69
N TYR B 387 16.80 -6.90 -1.36
CA TYR B 387 16.65 -6.89 -2.81
C TYR B 387 15.90 -5.65 -3.27
N SER B 388 16.56 -4.86 -4.14
CA SER B 388 16.02 -3.66 -4.75
C SER B 388 15.97 -2.51 -3.73
N GLY B 389 16.56 -2.70 -2.55
CA GLY B 389 16.92 -1.62 -1.64
C GLY B 389 18.30 -1.04 -1.97
N ALA B 390 19.06 -0.67 -0.94
CA ALA B 390 20.35 -0.04 -1.13
C ALA B 390 21.35 -0.53 -0.09
N VAL B 391 22.60 -0.62 -0.52
CA VAL B 391 23.73 -0.71 0.38
C VAL B 391 24.35 0.68 0.44
N VAL B 392 24.57 1.17 1.67
CA VAL B 392 24.81 2.59 1.88
C VAL B 392 26.13 2.80 2.62
N MET B 393 26.79 3.91 2.28
CA MET B 393 27.89 4.46 3.07
C MET B 393 27.58 5.92 3.37
N LEU B 394 27.55 6.29 4.65
CA LEU B 394 27.29 7.67 5.03
C LEU B 394 28.53 8.24 5.71
N SER B 395 28.92 9.43 5.29
CA SER B 395 30.17 10.04 5.72
C SER B 395 29.87 11.27 6.56
N PRO B 396 30.74 11.58 7.55
CA PRO B 396 30.50 12.69 8.48
C PRO B 396 30.43 14.06 7.80
N ASN B 397 30.97 14.17 6.59
CA ASN B 397 30.95 15.42 5.85
C ASN B 397 29.64 15.65 5.10
N GLY B 398 28.60 14.84 5.39
CA GLY B 398 27.30 14.96 4.73
C GLY B 398 27.15 14.05 3.50
N GLY B 399 28.20 13.31 3.16
CA GLY B 399 28.17 12.36 2.05
C GLY B 399 27.16 11.22 2.28
N LEU B 400 26.64 10.73 1.16
CA LEU B 400 25.82 9.53 1.12
C LEU B 400 26.08 8.87 -0.23
N ASP B 401 26.27 7.56 -0.18
CA ASP B 401 26.50 6.75 -1.35
C ASP B 401 25.62 5.51 -1.20
N ALA B 402 24.64 5.37 -2.11
CA ALA B 402 23.64 4.31 -2.02
C ALA B 402 23.55 3.57 -3.36
N ALA B 403 24.10 2.35 -3.32
CA ALA B 403 24.10 1.42 -4.44
C ALA B 403 22.79 0.65 -4.45
N LEU B 404 22.16 0.56 -5.63
CA LEU B 404 20.94 -0.20 -5.77
C LEU B 404 21.29 -1.69 -5.65
N THR B 405 20.60 -2.40 -4.74
CA THR B 405 20.94 -3.78 -4.41
C THR B 405 20.34 -4.74 -5.42
N LEU B 406 21.09 -5.02 -6.49
CA LEU B 406 20.74 -5.99 -7.51
C LEU B 406 21.98 -6.82 -7.81
N ARG B 407 21.81 -7.87 -8.62
CA ARG B 407 22.94 -8.72 -9.01
C ARG B 407 23.64 -9.16 -7.71
N SER B 408 22.84 -9.74 -6.80
CA SER B 408 23.23 -9.95 -5.42
C SER B 408 22.76 -11.33 -4.94
N ALA B 409 23.42 -11.82 -3.89
CA ALA B 409 23.09 -13.08 -3.24
C ALA B 409 22.95 -12.84 -1.73
N TYR B 410 22.03 -13.60 -1.10
CA TYR B 410 21.63 -13.38 0.28
C TYR B 410 21.64 -14.70 1.05
N GLU B 411 21.92 -14.62 2.35
CA GLU B 411 21.86 -15.76 3.26
C GLU B 411 21.28 -15.30 4.59
N GLN B 412 20.15 -15.87 4.98
CA GLN B 412 19.51 -15.48 6.22
C GLN B 412 18.60 -16.60 6.72
N ASP B 413 18.60 -16.79 8.05
CA ASP B 413 17.77 -17.74 8.76
C ASP B 413 17.79 -19.13 8.10
N GLY B 414 18.97 -19.57 7.66
CA GLY B 414 19.15 -20.90 7.10
C GLY B 414 18.82 -21.02 5.60
N HIS B 415 18.36 -19.94 4.96
CA HIS B 415 18.12 -19.94 3.52
C HIS B 415 19.21 -19.14 2.81
N THR B 416 19.59 -19.62 1.63
CA THR B 416 20.50 -18.91 0.75
C THR B 416 19.79 -18.72 -0.57
N TRP B 417 19.78 -17.48 -1.13
CA TRP B 417 19.04 -17.25 -2.36
C TRP B 417 19.68 -16.20 -3.28
N LEU B 418 19.38 -16.36 -4.59
CA LEU B 418 19.58 -15.35 -5.61
C LEU B 418 18.23 -14.71 -5.94
N ARG B 419 18.22 -13.52 -6.55
CA ARG B 419 16.97 -12.87 -6.90
C ARG B 419 17.19 -11.91 -8.07
N ALA B 420 16.31 -12.01 -9.07
CA ALA B 420 16.42 -11.19 -10.26
C ALA B 420 15.01 -10.96 -10.80
N GLY B 421 14.79 -9.79 -11.44
CA GLY B 421 13.49 -9.44 -11.99
C GLY B 421 13.57 -8.87 -13.41
N ALA B 422 12.41 -8.39 -13.89
CA ALA B 422 12.34 -7.79 -15.20
C ALA B 422 11.20 -6.79 -15.21
N GLY B 423 11.33 -5.74 -16.03
CA GLY B 423 10.26 -4.76 -16.19
C GLY B 423 9.11 -5.30 -17.03
N ILE B 424 7.90 -5.29 -16.45
CA ILE B 424 6.70 -5.80 -17.09
C ILE B 424 5.87 -4.62 -17.60
N ILE B 425 5.59 -4.62 -18.91
CA ILE B 425 4.66 -3.65 -19.50
C ILE B 425 3.51 -4.44 -20.14
N GLU B 426 2.55 -3.72 -20.74
CA GLU B 426 1.34 -4.35 -21.25
C GLU B 426 1.70 -5.50 -22.17
N ALA B 427 2.63 -5.26 -23.10
CA ALA B 427 2.91 -6.22 -24.16
C ALA B 427 3.84 -7.33 -23.71
N SER B 428 4.27 -7.34 -22.44
CA SER B 428 5.25 -8.34 -22.00
C SER B 428 4.69 -9.75 -22.14
N THR B 429 5.58 -10.69 -22.47
CA THR B 429 5.25 -12.11 -22.55
C THR B 429 5.99 -12.87 -21.45
N PRO B 430 5.30 -13.75 -20.67
CA PRO B 430 5.94 -14.52 -19.61
C PRO B 430 7.29 -15.15 -19.91
N GLU B 431 7.45 -15.74 -21.11
CA GLU B 431 8.65 -16.51 -21.40
C GLU B 431 9.86 -15.61 -21.65
N ARG B 432 9.65 -14.48 -22.33
CA ARG B 432 10.74 -13.53 -22.53
C ARG B 432 11.21 -13.01 -21.17
N GLU B 433 10.27 -12.67 -20.29
CA GLU B 433 10.61 -12.06 -19.02
C GLU B 433 11.35 -13.08 -18.15
N PHE B 434 10.94 -14.35 -18.23
CA PHE B 434 11.60 -15.37 -17.43
C PHE B 434 13.04 -15.53 -17.88
N GLU B 435 13.23 -15.50 -19.21
CA GLU B 435 14.56 -15.59 -19.80
C GLU B 435 15.42 -14.38 -19.41
N GLU B 436 14.80 -13.19 -19.34
CA GLU B 436 15.54 -12.01 -18.89
C GLU B 436 16.11 -12.26 -17.48
N THR B 437 15.30 -12.81 -16.57
CA THR B 437 15.77 -13.07 -15.21
C THR B 437 16.96 -14.01 -15.25
N CYS B 438 16.93 -14.98 -16.17
CA CYS B 438 18.05 -15.90 -16.34
C CYS B 438 19.32 -15.16 -16.75
N GLU B 439 19.21 -14.20 -17.66
CA GLU B 439 20.39 -13.41 -18.07
C GLU B 439 20.99 -12.68 -16.87
N LYS B 440 20.11 -12.09 -16.05
CA LYS B 440 20.52 -11.32 -14.90
C LYS B 440 21.10 -12.22 -13.81
N LEU B 441 20.53 -13.42 -13.64
CA LEU B 441 21.05 -14.39 -12.68
C LEU B 441 22.45 -14.84 -13.06
N GLY B 442 22.83 -14.69 -14.34
CA GLY B 442 24.16 -15.04 -14.82
C GLY B 442 25.28 -14.13 -14.29
N SER B 443 24.93 -13.04 -13.58
CA SER B 443 25.91 -12.19 -12.92
C SER B 443 26.47 -12.84 -11.66
N ILE B 444 25.68 -13.77 -11.08
CA ILE B 444 26.00 -14.43 -9.81
C ILE B 444 26.06 -15.95 -9.98
N ALA B 445 24.99 -16.56 -10.49
CA ALA B 445 24.81 -18.01 -10.47
C ALA B 445 26.09 -18.76 -10.85
N PRO B 446 26.78 -18.43 -11.96
CA PRO B 446 28.05 -19.11 -12.30
C PRO B 446 29.23 -19.07 -11.34
N TYR B 447 29.24 -18.12 -10.40
CA TYR B 447 30.45 -17.85 -9.61
C TYR B 447 30.29 -18.27 -8.15
N VAL B 448 29.22 -19.01 -7.86
CA VAL B 448 28.88 -19.41 -6.51
C VAL B 448 29.81 -20.54 -6.02
N ILE B 449 30.50 -20.30 -4.90
CA ILE B 449 31.34 -21.29 -4.25
C ILE B 449 30.59 -21.91 -3.06
N LYS B 450 30.61 -23.25 -2.97
CA LYS B 450 30.12 -23.99 -1.80
C LYS B 450 30.94 -23.66 -0.56
N ARG B 451 30.27 -23.64 0.61
CA ARG B 451 30.84 -23.15 1.85
C ARG B 451 32.04 -23.99 2.33
N GLU B 452 32.16 -25.22 1.82
CA GLU B 452 33.34 -26.04 2.03
C GLU B 452 34.63 -25.25 1.73
#